data_1VBR
#
_entry.id   1VBR
#
_cell.length_a   58.460
_cell.length_b   58.430
_cell.length_c   61.290
_cell.angle_alpha   70.43
_cell.angle_beta   84.33
_cell.angle_gamma   68.77
#
_symmetry.space_group_name_H-M   'P 1'
#
loop_
_entity.id
_entity.type
_entity.pdbx_description
1 polymer 'endo-1,4-beta-xylanase B'
2 branched alpha-D-xylopyranose-(1-4)-beta-D-xylopyranose
3 non-polymer 'ACETIC ACID'
4 water water
#
_entity_poly.entity_id   1
_entity_poly.type   'polypeptide(L)'
_entity_poly.pdbx_seq_one_letter_code
;SQNVSLRELAEKLNIYIGFAAINNFWSLSDAEKYMEVARREFNILTPENQMKWDTIHPERDRYNFTPAEKHVEFAEENDM
IVHGHTLVWHNQLPGWITGREWTKEELLNVLEDHIKTVVSHFKGRVKIWDVVNEAVSDSGTYRESVWYKTIGPEYIEKAF
RWAKEADPDAILIYNDYSIEEINAKSNFVYNMIKELKEKGVPVDGIGFQMHIDYRGLNYDSFRRNLERFAKLGLQIYITE
MDVRIPLSGSEEYYLKKQAEVCAKIFDICLDNPAVKAIQFWGFTDKYSWVPGFFKGYGKALLFDENYNPKPCYYAIKEVL
EKKIEERK
;
_entity_poly.pdbx_strand_id   A,B
#
# COMPACT_ATOMS: atom_id res chain seq x y z
N VAL A 4 -37.84 -16.83 -0.57
CA VAL A 4 -36.92 -17.85 0.03
C VAL A 4 -35.70 -17.99 -0.88
N SER A 5 -34.74 -17.09 -0.71
CA SER A 5 -33.52 -17.09 -1.51
C SER A 5 -32.48 -18.03 -0.94
N LEU A 6 -31.43 -18.28 -1.73
CA LEU A 6 -30.36 -19.15 -1.29
C LEU A 6 -29.66 -18.57 -0.07
N ARG A 7 -29.41 -17.26 -0.07
CA ARG A 7 -28.72 -16.65 1.06
C ARG A 7 -29.54 -16.68 2.34
N GLU A 8 -30.86 -16.66 2.21
CA GLU A 8 -31.71 -16.71 3.40
C GLU A 8 -31.58 -18.08 4.03
N LEU A 9 -31.57 -19.11 3.19
CA LEU A 9 -31.44 -20.48 3.67
C LEU A 9 -30.04 -20.70 4.23
N ALA A 10 -29.05 -20.12 3.56
CA ALA A 10 -27.65 -20.24 3.99
C ALA A 10 -27.50 -19.67 5.40
N GLU A 11 -28.08 -18.51 5.62
CA GLU A 11 -28.01 -17.84 6.92
C GLU A 11 -28.60 -18.70 8.04
N LYS A 12 -29.64 -19.47 7.73
CA LYS A 12 -30.28 -20.32 8.73
C LYS A 12 -29.43 -21.56 9.01
N LEU A 13 -28.49 -21.85 8.13
CA LEU A 13 -27.61 -23.01 8.29
C LEU A 13 -26.21 -22.58 8.72
N ASN A 14 -26.07 -21.28 8.96
CA ASN A 14 -24.79 -20.71 9.40
C ASN A 14 -23.64 -20.87 8.39
N ILE A 15 -23.97 -20.84 7.11
CA ILE A 15 -22.94 -20.96 6.07
C ILE A 15 -23.17 -19.84 5.07
N TYR A 16 -22.22 -19.69 4.14
CA TYR A 16 -22.35 -18.67 3.11
C TYR A 16 -22.50 -19.36 1.76
N ILE A 17 -23.30 -18.77 0.89
CA ILE A 17 -23.50 -19.31 -0.46
C ILE A 17 -23.28 -18.11 -1.36
N GLY A 18 -22.35 -18.23 -2.29
CA GLY A 18 -22.05 -17.10 -3.14
C GLY A 18 -21.59 -17.36 -4.55
N PHE A 19 -20.89 -16.36 -5.10
CA PHE A 19 -20.46 -16.43 -6.48
C PHE A 19 -19.16 -15.64 -6.74
N ALA A 20 -18.71 -15.72 -7.98
CA ALA A 20 -17.52 -14.99 -8.40
C ALA A 20 -18.08 -13.85 -9.24
N ALA A 21 -17.65 -12.63 -8.95
CA ALA A 21 -18.13 -11.44 -9.66
C ALA A 21 -17.28 -11.09 -10.88
N ILE A 22 -17.92 -11.03 -12.04
CA ILE A 22 -17.22 -10.71 -13.29
C ILE A 22 -16.61 -9.31 -13.29
N ASN A 23 -15.57 -9.12 -14.11
CA ASN A 23 -14.89 -7.82 -14.21
C ASN A 23 -15.91 -6.72 -14.52
N ASN A 24 -15.75 -5.59 -13.84
CA ASN A 24 -16.61 -4.44 -14.06
C ASN A 24 -18.08 -4.79 -14.21
N PHE A 25 -18.62 -5.55 -13.26
CA PHE A 25 -20.03 -5.92 -13.35
C PHE A 25 -20.93 -4.69 -13.25
N TRP A 26 -20.43 -3.64 -12.65
CA TRP A 26 -21.20 -2.40 -12.48
C TRP A 26 -21.41 -1.63 -13.79
N SER A 27 -20.67 -2.00 -14.82
CA SER A 27 -20.80 -1.32 -16.11
C SER A 27 -21.28 -2.25 -17.22
N LEU A 28 -21.77 -3.43 -16.84
CA LEU A 28 -22.27 -4.39 -17.82
C LEU A 28 -23.52 -3.80 -18.47
N SER A 29 -23.82 -4.22 -19.70
CA SER A 29 -25.00 -3.73 -20.38
C SER A 29 -26.22 -4.02 -19.53
N ASP A 30 -26.19 -5.14 -18.79
CA ASP A 30 -27.29 -5.52 -17.92
C ASP A 30 -26.89 -5.50 -16.45
N ALA A 31 -26.05 -4.53 -16.09
CA ALA A 31 -25.56 -4.40 -14.72
C ALA A 31 -26.66 -4.45 -13.65
N GLU A 32 -27.75 -3.73 -13.89
CA GLU A 32 -28.85 -3.71 -12.92
C GLU A 32 -29.41 -5.09 -12.60
N LYS A 33 -29.66 -5.88 -13.64
CA LYS A 33 -30.21 -7.22 -13.45
C LYS A 33 -29.18 -8.14 -12.79
N TYR A 34 -27.95 -8.06 -13.26
CA TYR A 34 -26.86 -8.88 -12.72
C TYR A 34 -26.73 -8.60 -11.22
N MET A 35 -26.63 -7.31 -10.88
CA MET A 35 -26.51 -6.94 -9.48
C MET A 35 -27.72 -7.36 -8.64
N GLU A 36 -28.92 -7.25 -9.19
CA GLU A 36 -30.13 -7.62 -8.46
C GLU A 36 -30.18 -9.11 -8.13
N VAL A 37 -29.94 -9.95 -9.12
CA VAL A 37 -29.96 -11.39 -8.87
C VAL A 37 -28.89 -11.71 -7.83
N ALA A 38 -27.72 -11.12 -7.99
CA ALA A 38 -26.62 -11.36 -7.06
C ALA A 38 -26.97 -10.99 -5.61
N ARG A 39 -27.43 -9.76 -5.39
CA ARG A 39 -27.76 -9.34 -4.02
C ARG A 39 -28.94 -10.13 -3.43
N ARG A 40 -29.84 -10.58 -4.29
CA ARG A 40 -30.99 -11.34 -3.82
C ARG A 40 -30.62 -12.75 -3.37
N GLU A 41 -29.67 -13.37 -4.06
CA GLU A 41 -29.31 -14.76 -3.75
C GLU A 41 -28.07 -15.09 -2.94
N PHE A 42 -27.08 -14.21 -2.93
CA PHE A 42 -25.82 -14.54 -2.25
C PHE A 42 -25.33 -13.66 -1.11
N ASN A 43 -24.50 -14.22 -0.24
CA ASN A 43 -23.95 -13.46 0.88
C ASN A 43 -22.43 -13.56 1.00
N ILE A 44 -21.79 -13.94 -0.10
CA ILE A 44 -20.33 -14.01 -0.16
C ILE A 44 -19.92 -13.78 -1.62
N LEU A 45 -18.93 -12.91 -1.82
CA LEU A 45 -18.47 -12.55 -3.16
C LEU A 45 -16.96 -12.69 -3.35
N THR A 46 -16.57 -13.27 -4.48
CA THR A 46 -15.14 -13.42 -4.80
C THR A 46 -14.92 -12.66 -6.12
N PRO A 47 -14.02 -11.66 -6.14
CA PRO A 47 -13.79 -10.95 -7.41
C PRO A 47 -13.15 -11.97 -8.36
N GLU A 48 -13.78 -12.21 -9.50
CA GLU A 48 -13.25 -13.19 -10.45
C GLU A 48 -11.80 -12.92 -10.90
N ASN A 49 -11.46 -11.66 -11.17
CA ASN A 49 -10.11 -11.34 -11.64
C ASN A 49 -9.50 -10.05 -11.10
N GLN A 50 -10.35 -9.09 -10.75
CA GLN A 50 -9.85 -7.79 -10.33
C GLN A 50 -9.04 -7.63 -9.05
N MET A 51 -8.72 -8.74 -8.39
CA MET A 51 -7.85 -8.70 -7.22
C MET A 51 -6.56 -9.44 -7.57
N LYS A 52 -6.47 -9.89 -8.82
CA LYS A 52 -5.28 -10.61 -9.26
C LYS A 52 -4.15 -9.64 -9.59
N TRP A 53 -2.92 -10.15 -9.56
CA TRP A 53 -1.73 -9.36 -9.84
C TRP A 53 -1.79 -8.33 -10.96
N ASP A 54 -2.06 -8.81 -12.18
CA ASP A 54 -2.08 -7.91 -13.32
C ASP A 54 -2.99 -6.69 -13.19
N THR A 55 -4.08 -6.81 -12.44
CA THR A 55 -4.98 -5.68 -12.28
C THR A 55 -4.60 -4.79 -11.09
N ILE A 56 -4.41 -5.43 -9.94
CA ILE A 56 -4.13 -4.70 -8.72
C ILE A 56 -2.69 -4.19 -8.54
N HIS A 57 -1.75 -4.79 -9.26
CA HIS A 57 -0.34 -4.41 -9.14
C HIS A 57 0.24 -4.44 -10.57
N PRO A 58 -0.21 -3.52 -11.44
CA PRO A 58 0.21 -3.39 -12.84
C PRO A 58 1.69 -3.08 -13.12
N GLU A 59 2.35 -2.41 -12.19
CA GLU A 59 3.77 -2.09 -12.35
C GLU A 59 4.44 -2.35 -11.01
N ARG A 60 5.74 -2.58 -11.02
CA ARG A 60 6.44 -2.89 -9.77
C ARG A 60 6.14 -1.94 -8.61
N ASP A 61 6.12 -0.65 -8.89
CA ASP A 61 5.88 0.35 -7.85
C ASP A 61 4.53 1.05 -7.92
N ARG A 62 3.56 0.44 -8.60
CA ARG A 62 2.25 1.06 -8.71
C ARG A 62 1.12 0.07 -8.40
N TYR A 63 0.15 0.53 -7.62
CA TYR A 63 -0.99 -0.30 -7.25
C TYR A 63 -2.29 0.36 -7.68
N ASN A 64 -3.24 -0.46 -8.14
CA ASN A 64 -4.56 0.01 -8.54
C ASN A 64 -5.62 -0.81 -7.81
N PHE A 65 -6.15 -0.26 -6.72
CA PHE A 65 -7.17 -0.94 -5.93
C PHE A 65 -8.59 -0.54 -6.37
N THR A 66 -8.68 0.38 -7.32
CA THR A 66 -9.97 0.89 -7.79
C THR A 66 -11.03 -0.15 -8.14
N PRO A 67 -10.74 -1.05 -9.10
CA PRO A 67 -11.77 -2.04 -9.40
C PRO A 67 -12.14 -2.94 -8.22
N ALA A 68 -11.13 -3.42 -7.51
CA ALA A 68 -11.35 -4.28 -6.35
C ALA A 68 -12.21 -3.60 -5.28
N GLU A 69 -11.96 -2.31 -5.06
CA GLU A 69 -12.74 -1.58 -4.06
C GLU A 69 -14.23 -1.55 -4.42
N LYS A 70 -14.53 -1.52 -5.71
CA LYS A 70 -15.91 -1.52 -6.16
C LYS A 70 -16.58 -2.86 -5.86
N HIS A 71 -15.79 -3.94 -5.89
CA HIS A 71 -16.32 -5.27 -5.56
C HIS A 71 -16.63 -5.31 -4.06
N VAL A 72 -15.69 -4.80 -3.27
CA VAL A 72 -15.86 -4.76 -1.81
C VAL A 72 -17.03 -3.88 -1.41
N GLU A 73 -17.16 -2.75 -2.10
CA GLU A 73 -18.24 -1.78 -1.84
C GLU A 73 -19.61 -2.41 -2.12
N PHE A 74 -19.72 -3.11 -3.25
CA PHE A 74 -20.97 -3.76 -3.60
C PHE A 74 -21.30 -4.81 -2.54
N ALA A 75 -20.30 -5.58 -2.15
CA ALA A 75 -20.48 -6.62 -1.15
C ALA A 75 -20.95 -6.04 0.20
N GLU A 76 -20.24 -5.05 0.70
CA GLU A 76 -20.58 -4.43 1.98
C GLU A 76 -21.98 -3.81 1.98
N GLU A 77 -22.35 -3.18 0.88
CA GLU A 77 -23.66 -2.55 0.77
C GLU A 77 -24.80 -3.58 0.70
N ASN A 78 -24.47 -4.79 0.28
CA ASN A 78 -25.45 -5.84 0.15
C ASN A 78 -25.28 -6.97 1.17
N ASP A 79 -24.65 -6.64 2.29
CA ASP A 79 -24.45 -7.58 3.39
C ASP A 79 -23.77 -8.88 2.98
N MET A 80 -22.73 -8.79 2.15
CA MET A 80 -21.97 -9.96 1.71
C MET A 80 -20.55 -9.86 2.24
N ILE A 81 -19.95 -11.00 2.59
CA ILE A 81 -18.56 -10.95 3.01
C ILE A 81 -17.72 -11.11 1.75
N VAL A 82 -16.47 -10.69 1.81
CA VAL A 82 -15.59 -10.75 0.65
C VAL A 82 -14.52 -11.83 0.75
N HIS A 83 -14.38 -12.58 -0.33
CA HIS A 83 -13.41 -13.67 -0.45
C HIS A 83 -12.34 -13.18 -1.43
N GLY A 84 -11.14 -12.88 -0.90
CA GLY A 84 -10.04 -12.40 -1.72
C GLY A 84 -9.42 -13.47 -2.59
N HIS A 85 -9.06 -13.10 -3.82
CA HIS A 85 -8.51 -14.06 -4.77
C HIS A 85 -7.71 -13.34 -5.86
N THR A 86 -6.42 -13.64 -6.02
CA THR A 86 -5.65 -14.59 -5.20
C THR A 86 -4.27 -13.93 -5.09
N LEU A 87 -3.58 -14.15 -3.98
CA LEU A 87 -2.29 -13.52 -3.74
C LEU A 87 -1.08 -14.10 -4.46
N VAL A 88 -1.04 -15.42 -4.63
CA VAL A 88 0.09 -16.05 -5.32
C VAL A 88 -0.43 -17.11 -6.29
N TRP A 89 -0.19 -16.87 -7.57
CA TRP A 89 -0.63 -17.78 -8.63
C TRP A 89 0.37 -17.67 -9.79
N HIS A 90 0.37 -18.67 -10.66
CA HIS A 90 1.30 -18.68 -11.79
C HIS A 90 0.76 -18.08 -13.08
N ASN A 91 -0.54 -17.81 -13.11
CA ASN A 91 -1.16 -17.22 -14.28
C ASN A 91 -1.55 -15.76 -14.04
N GLN A 92 -1.83 -15.05 -15.14
CA GLN A 92 -2.21 -13.65 -15.06
C GLN A 92 -1.23 -12.81 -14.27
N LEU A 93 0.06 -13.05 -14.51
CA LEU A 93 1.10 -12.28 -13.85
C LEU A 93 1.49 -11.17 -14.81
N PRO A 94 1.83 -9.99 -14.29
CA PRO A 94 2.22 -8.87 -15.14
C PRO A 94 3.58 -9.04 -15.81
N GLY A 95 3.80 -8.27 -16.88
CA GLY A 95 5.05 -8.34 -17.61
C GLY A 95 6.28 -8.00 -16.79
N TRP A 96 6.15 -7.10 -15.81
CA TRP A 96 7.33 -6.75 -15.01
C TRP A 96 7.80 -7.92 -14.17
N ILE A 97 6.96 -8.94 -14.06
CA ILE A 97 7.32 -10.14 -13.30
C ILE A 97 7.86 -11.24 -14.24
N THR A 98 7.09 -11.54 -15.27
CA THR A 98 7.46 -12.59 -16.22
C THR A 98 8.50 -12.20 -17.27
N GLY A 99 8.69 -10.90 -17.48
CA GLY A 99 9.64 -10.45 -18.48
C GLY A 99 11.09 -10.28 -18.09
N ARG A 100 11.46 -10.69 -16.88
CA ARG A 100 12.84 -10.55 -16.46
C ARG A 100 13.28 -11.72 -15.59
N GLU A 101 14.58 -11.91 -15.46
CA GLU A 101 15.13 -12.99 -14.65
C GLU A 101 15.24 -12.55 -13.20
N TRP A 102 14.91 -13.45 -12.28
CA TRP A 102 14.94 -13.17 -10.85
C TRP A 102 15.85 -14.09 -10.06
N THR A 103 16.28 -13.61 -8.90
CA THR A 103 17.09 -14.41 -7.99
C THR A 103 16.18 -14.62 -6.79
N LYS A 104 16.46 -15.64 -6.00
CA LYS A 104 15.65 -15.95 -4.84
C LYS A 104 15.31 -14.75 -3.95
N GLU A 105 16.33 -14.06 -3.46
CA GLU A 105 16.12 -12.90 -2.58
C GLU A 105 15.27 -11.80 -3.21
N GLU A 106 15.48 -11.54 -4.48
CA GLU A 106 14.73 -10.51 -5.18
C GLU A 106 13.25 -10.84 -5.33
N LEU A 107 12.94 -12.07 -5.71
CA LEU A 107 11.55 -12.46 -5.88
C LEU A 107 10.82 -12.58 -4.54
N LEU A 108 11.57 -12.92 -3.48
CA LEU A 108 10.95 -13.03 -2.16
C LEU A 108 10.51 -11.66 -1.67
N ASN A 109 11.35 -10.65 -1.92
CA ASN A 109 11.03 -9.28 -1.50
C ASN A 109 9.83 -8.76 -2.27
N VAL A 110 9.76 -9.13 -3.54
CA VAL A 110 8.65 -8.73 -4.40
C VAL A 110 7.36 -9.37 -3.88
N LEU A 111 7.44 -10.67 -3.60
CA LEU A 111 6.29 -11.40 -3.10
C LEU A 111 5.82 -10.83 -1.76
N GLU A 112 6.76 -10.57 -0.85
CA GLU A 112 6.40 -10.03 0.45
C GLU A 112 5.72 -8.66 0.32
N ASP A 113 6.28 -7.78 -0.51
CA ASP A 113 5.70 -6.45 -0.70
C ASP A 113 4.29 -6.53 -1.26
N HIS A 114 4.10 -7.38 -2.27
CA HIS A 114 2.80 -7.54 -2.88
C HIS A 114 1.77 -7.99 -1.84
N ILE A 115 2.08 -9.10 -1.18
CA ILE A 115 1.18 -9.65 -0.17
C ILE A 115 0.87 -8.69 0.97
N LYS A 116 1.89 -8.09 1.56
CA LYS A 116 1.65 -7.16 2.66
C LYS A 116 0.85 -5.94 2.23
N THR A 117 1.16 -5.39 1.06
CA THR A 117 0.46 -4.22 0.55
C THR A 117 -1.03 -4.48 0.26
N VAL A 118 -1.32 -5.58 -0.42
CA VAL A 118 -2.69 -5.91 -0.76
C VAL A 118 -3.53 -6.32 0.45
N VAL A 119 -3.01 -7.22 1.27
CA VAL A 119 -3.74 -7.66 2.45
C VAL A 119 -3.96 -6.51 3.44
N SER A 120 -2.93 -5.70 3.64
CA SER A 120 -3.06 -4.58 4.56
C SER A 120 -4.08 -3.56 4.04
N HIS A 121 -4.12 -3.37 2.72
CA HIS A 121 -5.06 -2.42 2.13
C HIS A 121 -6.51 -2.77 2.42
N PHE A 122 -6.82 -4.06 2.43
CA PHE A 122 -8.19 -4.53 2.69
C PHE A 122 -8.37 -5.13 4.08
N LYS A 123 -7.43 -4.85 4.98
CA LYS A 123 -7.49 -5.38 6.34
C LYS A 123 -8.88 -5.23 6.97
N GLY A 124 -9.43 -6.33 7.46
CA GLY A 124 -10.74 -6.31 8.09
C GLY A 124 -11.92 -6.29 7.13
N ARG A 125 -11.67 -6.01 5.86
CA ARG A 125 -12.74 -5.94 4.86
C ARG A 125 -12.83 -7.21 4.01
N VAL A 126 -11.74 -7.98 3.96
CA VAL A 126 -11.71 -9.24 3.23
C VAL A 126 -11.60 -10.31 4.30
N LYS A 127 -12.64 -11.13 4.45
CA LYS A 127 -12.67 -12.16 5.48
C LYS A 127 -11.88 -13.42 5.17
N ILE A 128 -11.77 -13.74 3.89
CA ILE A 128 -11.07 -14.94 3.45
C ILE A 128 -10.16 -14.62 2.28
N TRP A 129 -8.92 -15.11 2.34
CA TRP A 129 -7.96 -14.89 1.26
C TRP A 129 -7.45 -16.20 0.68
N ASP A 130 -7.43 -16.29 -0.65
CA ASP A 130 -6.84 -17.46 -1.30
C ASP A 130 -5.39 -16.98 -1.36
N VAL A 131 -4.59 -17.39 -0.38
CA VAL A 131 -3.19 -16.96 -0.32
C VAL A 131 -2.38 -17.58 -1.45
N VAL A 132 -2.43 -18.91 -1.55
CA VAL A 132 -1.71 -19.62 -2.60
C VAL A 132 -2.73 -20.41 -3.43
N ASN A 133 -2.63 -20.28 -4.75
CA ASN A 133 -3.55 -20.95 -5.66
C ASN A 133 -2.81 -21.92 -6.61
N GLU A 134 -3.28 -23.16 -6.66
CA GLU A 134 -2.74 -24.18 -7.58
C GLU A 134 -1.22 -24.31 -7.61
N ALA A 135 -0.62 -24.59 -6.45
CA ALA A 135 0.84 -24.75 -6.35
C ALA A 135 1.28 -26.19 -6.59
N VAL A 136 0.32 -27.08 -6.80
CA VAL A 136 0.62 -28.49 -7.01
C VAL A 136 0.32 -28.91 -8.44
N SER A 137 1.25 -29.64 -9.04
CA SER A 137 1.05 -30.10 -10.42
C SER A 137 0.01 -31.21 -10.44
N ASP A 138 -0.40 -31.60 -11.64
CA ASP A 138 -1.38 -32.66 -11.79
C ASP A 138 -0.71 -34.02 -11.77
N SER A 139 0.55 -34.03 -11.33
CA SER A 139 1.32 -35.26 -11.22
C SER A 139 1.56 -35.55 -9.75
N GLY A 140 1.16 -34.63 -8.89
CA GLY A 140 1.35 -34.81 -7.46
C GLY A 140 2.69 -34.30 -6.97
N THR A 141 3.20 -33.25 -7.63
CA THR A 141 4.47 -32.64 -7.25
C THR A 141 4.31 -31.12 -7.26
N TYR A 142 5.33 -30.40 -6.82
CA TYR A 142 5.24 -28.95 -6.83
C TYR A 142 5.20 -28.43 -8.25
N ARG A 143 4.27 -27.51 -8.50
CA ARG A 143 4.14 -26.92 -9.84
C ARG A 143 5.36 -26.05 -10.10
N GLU A 144 5.98 -26.24 -11.27
CA GLU A 144 7.17 -25.52 -11.65
C GLU A 144 6.90 -24.09 -12.11
N SER A 145 6.30 -23.29 -11.23
CA SER A 145 5.99 -21.90 -11.53
C SER A 145 7.23 -21.03 -11.32
N VAL A 146 7.12 -19.75 -11.68
CA VAL A 146 8.23 -18.83 -11.51
C VAL A 146 8.58 -18.76 -10.01
N TRP A 147 7.55 -18.82 -9.18
CA TRP A 147 7.74 -18.75 -7.73
C TRP A 147 8.55 -19.94 -7.24
N TYR A 148 8.12 -21.14 -7.60
CA TYR A 148 8.81 -22.35 -7.16
C TYR A 148 10.22 -22.50 -7.70
N LYS A 149 10.40 -22.25 -9.00
CA LYS A 149 11.71 -22.39 -9.61
C LYS A 149 12.73 -21.40 -9.07
N THR A 150 12.28 -20.18 -8.81
CA THR A 150 13.16 -19.13 -8.33
C THR A 150 13.43 -19.18 -6.82
N ILE A 151 12.39 -19.47 -6.06
CA ILE A 151 12.46 -19.47 -4.60
C ILE A 151 12.55 -20.82 -3.91
N GLY A 152 11.94 -21.84 -4.52
CA GLY A 152 11.92 -23.15 -3.89
C GLY A 152 10.58 -23.22 -3.17
N PRO A 153 10.23 -24.35 -2.55
CA PRO A 153 8.95 -24.51 -1.84
C PRO A 153 8.65 -23.55 -0.70
N GLU A 154 9.68 -22.90 -0.17
CA GLU A 154 9.44 -21.98 0.95
C GLU A 154 8.55 -20.78 0.62
N TYR A 155 8.35 -20.49 -0.66
CA TYR A 155 7.49 -19.36 -1.03
C TYR A 155 6.06 -19.55 -0.52
N ILE A 156 5.65 -20.81 -0.38
CA ILE A 156 4.29 -21.10 0.09
C ILE A 156 4.15 -20.75 1.57
N GLU A 157 5.05 -21.28 2.40
CA GLU A 157 5.02 -21.00 3.83
C GLU A 157 5.12 -19.49 4.08
N LYS A 158 6.04 -18.84 3.39
CA LYS A 158 6.24 -17.40 3.55
C LYS A 158 5.02 -16.58 3.15
N ALA A 159 4.36 -16.95 2.05
CA ALA A 159 3.17 -16.21 1.63
C ALA A 159 2.11 -16.21 2.73
N PHE A 160 1.89 -17.37 3.34
CA PHE A 160 0.91 -17.48 4.41
C PHE A 160 1.32 -16.67 5.63
N ARG A 161 2.58 -16.79 6.03
CA ARG A 161 3.06 -16.05 7.17
C ARG A 161 2.91 -14.54 6.95
N TRP A 162 3.29 -14.06 5.77
CA TRP A 162 3.19 -12.63 5.48
C TRP A 162 1.75 -12.12 5.41
N ALA A 163 0.85 -12.93 4.85
CA ALA A 163 -0.54 -12.54 4.76
C ALA A 163 -1.12 -12.39 6.16
N LYS A 164 -0.85 -13.36 7.03
CA LYS A 164 -1.37 -13.35 8.39
C LYS A 164 -0.86 -12.15 9.19
N GLU A 165 0.38 -11.74 8.93
CA GLU A 165 0.94 -10.58 9.64
C GLU A 165 0.19 -9.32 9.20
N ALA A 166 -0.16 -9.26 7.91
CA ALA A 166 -0.87 -8.12 7.34
C ALA A 166 -2.31 -8.02 7.84
N ASP A 167 -2.92 -9.17 8.11
CA ASP A 167 -4.29 -9.20 8.62
C ASP A 167 -4.49 -10.47 9.43
N PRO A 168 -4.14 -10.45 10.73
CA PRO A 168 -4.29 -11.61 11.60
C PRO A 168 -5.72 -12.14 11.74
N ASP A 169 -6.70 -11.34 11.36
CA ASP A 169 -8.10 -11.75 11.46
C ASP A 169 -8.63 -12.45 10.20
N ALA A 170 -7.88 -12.34 9.11
CA ALA A 170 -8.30 -12.97 7.86
C ALA A 170 -8.08 -14.48 7.88
N ILE A 171 -9.03 -15.21 7.29
CA ILE A 171 -8.94 -16.66 7.19
C ILE A 171 -8.14 -16.93 5.91
N LEU A 172 -6.96 -17.52 6.06
CA LEU A 172 -6.08 -17.81 4.93
C LEU A 172 -6.20 -19.24 4.45
N ILE A 173 -6.46 -19.42 3.16
CA ILE A 173 -6.60 -20.78 2.65
C ILE A 173 -5.77 -21.08 1.42
N TYR A 174 -5.59 -22.37 1.16
CA TYR A 174 -4.89 -22.88 0.00
C TYR A 174 -6.02 -23.32 -0.94
N ASN A 175 -5.98 -22.89 -2.20
CA ASN A 175 -7.05 -23.19 -3.15
C ASN A 175 -6.51 -24.02 -4.34
N ASP A 176 -7.26 -25.02 -4.78
CA ASP A 176 -6.81 -25.83 -5.92
C ASP A 176 -7.95 -26.61 -6.57
N TYR A 177 -7.69 -27.15 -7.76
CA TYR A 177 -8.68 -27.93 -8.49
C TYR A 177 -8.26 -29.39 -8.55
N SER A 178 -9.25 -30.25 -8.79
CA SER A 178 -9.04 -31.68 -8.90
C SER A 178 -8.45 -32.34 -7.66
N ILE A 179 -8.81 -31.79 -6.50
CA ILE A 179 -8.36 -32.37 -5.23
C ILE A 179 -9.57 -32.66 -4.34
N GLU A 180 -10.74 -32.69 -4.95
CA GLU A 180 -11.98 -32.98 -4.22
C GLU A 180 -11.97 -34.41 -3.72
N GLU A 181 -11.50 -35.32 -4.56
CA GLU A 181 -11.45 -36.74 -4.20
C GLU A 181 -10.07 -37.06 -3.65
N ILE A 182 -9.95 -38.24 -3.07
CA ILE A 182 -8.66 -38.71 -2.56
C ILE A 182 -7.95 -39.22 -3.81
N ASN A 183 -6.79 -38.63 -4.10
CA ASN A 183 -5.98 -39.02 -5.25
C ASN A 183 -4.56 -38.52 -5.07
N ALA A 184 -3.71 -38.78 -6.05
CA ALA A 184 -2.32 -38.37 -5.96
C ALA A 184 -2.15 -36.88 -5.65
N LYS A 185 -2.92 -36.04 -6.34
CA LYS A 185 -2.83 -34.60 -6.12
C LYS A 185 -3.30 -34.17 -4.72
N SER A 186 -4.49 -34.60 -4.32
CA SER A 186 -5.00 -34.24 -3.00
C SER A 186 -4.11 -34.83 -1.90
N ASN A 187 -3.50 -35.98 -2.15
CA ASN A 187 -2.61 -36.59 -1.17
C ASN A 187 -1.40 -35.69 -0.94
N PHE A 188 -0.87 -35.13 -2.02
CA PHE A 188 0.29 -34.24 -1.94
C PHE A 188 -0.12 -32.97 -1.20
N VAL A 189 -1.31 -32.46 -1.51
CA VAL A 189 -1.80 -31.23 -0.87
C VAL A 189 -2.03 -31.48 0.63
N TYR A 190 -2.59 -32.63 0.96
CA TYR A 190 -2.85 -32.99 2.34
C TYR A 190 -1.55 -33.01 3.15
N ASN A 191 -0.56 -33.73 2.65
CA ASN A 191 0.73 -33.81 3.33
C ASN A 191 1.40 -32.45 3.40
N MET A 192 1.24 -31.66 2.35
CA MET A 192 1.85 -30.33 2.32
C MET A 192 1.27 -29.45 3.43
N ILE A 193 -0.05 -29.37 3.51
CA ILE A 193 -0.70 -28.56 4.52
C ILE A 193 -0.45 -29.10 5.93
N LYS A 194 -0.41 -30.43 6.05
CA LYS A 194 -0.18 -31.04 7.36
C LYS A 194 1.17 -30.56 7.91
N GLU A 195 2.20 -30.64 7.07
CA GLU A 195 3.54 -30.21 7.46
C GLU A 195 3.65 -28.71 7.71
N LEU A 196 2.92 -27.92 6.94
CA LEU A 196 2.95 -26.47 7.11
C LEU A 196 2.37 -26.08 8.47
N LYS A 197 1.20 -26.63 8.80
CA LYS A 197 0.57 -26.32 10.06
C LYS A 197 1.38 -26.87 11.24
N GLU A 198 2.10 -27.96 11.02
CA GLU A 198 2.92 -28.55 12.07
C GLU A 198 4.06 -27.63 12.45
N LYS A 199 4.46 -26.75 11.54
CA LYS A 199 5.54 -25.82 11.84
C LYS A 199 5.01 -24.42 12.14
N GLY A 200 3.72 -24.32 12.45
CA GLY A 200 3.13 -23.04 12.79
C GLY A 200 2.69 -22.14 11.65
N VAL A 201 2.68 -22.64 10.42
CA VAL A 201 2.26 -21.82 9.31
C VAL A 201 0.75 -21.62 9.40
N PRO A 202 0.29 -20.37 9.31
CA PRO A 202 -1.14 -20.06 9.39
C PRO A 202 -2.02 -20.42 8.19
N VAL A 203 -2.14 -21.72 7.90
CA VAL A 203 -3.02 -22.17 6.82
C VAL A 203 -4.33 -22.48 7.54
N ASP A 204 -5.25 -21.53 7.51
CA ASP A 204 -6.54 -21.67 8.20
C ASP A 204 -7.56 -22.58 7.53
N GLY A 205 -7.51 -22.68 6.21
CA GLY A 205 -8.46 -23.53 5.52
C GLY A 205 -8.00 -24.04 4.17
N ILE A 206 -8.87 -24.79 3.53
CA ILE A 206 -8.59 -25.37 2.22
C ILE A 206 -9.76 -25.06 1.29
N GLY A 207 -9.43 -24.71 0.05
CA GLY A 207 -10.46 -24.41 -0.92
C GLY A 207 -10.48 -25.46 -2.01
N PHE A 208 -11.67 -26.00 -2.27
CA PHE A 208 -11.86 -26.99 -3.32
C PHE A 208 -12.62 -26.26 -4.43
N GLN A 209 -11.93 -26.01 -5.55
CA GLN A 209 -12.55 -25.28 -6.65
C GLN A 209 -13.86 -25.88 -7.15
N MET A 210 -13.88 -27.21 -7.27
CA MET A 210 -15.09 -27.92 -7.71
C MET A 210 -15.50 -27.62 -9.16
N HIS A 211 -14.53 -27.58 -10.05
CA HIS A 211 -14.81 -27.40 -11.47
C HIS A 211 -15.05 -28.82 -11.97
N ILE A 212 -16.30 -29.27 -11.94
CA ILE A 212 -16.63 -30.63 -12.36
C ILE A 212 -17.65 -30.66 -13.50
N ASP A 213 -18.09 -31.86 -13.88
CA ASP A 213 -19.08 -32.00 -14.94
C ASP A 213 -20.29 -32.80 -14.51
N TYR A 214 -21.26 -32.98 -15.41
CA TYR A 214 -22.48 -33.69 -15.08
C TYR A 214 -22.29 -35.10 -14.53
N ARG A 215 -21.11 -35.68 -14.73
CA ARG A 215 -20.86 -37.02 -14.21
C ARG A 215 -20.60 -37.02 -12.70
N GLY A 216 -20.40 -35.83 -12.15
CA GLY A 216 -20.17 -35.71 -10.71
C GLY A 216 -18.80 -36.21 -10.25
N LEU A 217 -18.76 -36.71 -9.02
CA LEU A 217 -17.52 -37.22 -8.43
C LEU A 217 -17.79 -38.55 -7.75
N ASN A 218 -16.72 -39.19 -7.28
CA ASN A 218 -16.90 -40.40 -6.52
C ASN A 218 -17.20 -39.80 -5.15
N TYR A 219 -18.47 -39.84 -4.77
CA TYR A 219 -18.93 -39.24 -3.52
C TYR A 219 -18.34 -39.80 -2.25
N ASP A 220 -18.07 -41.10 -2.21
CA ASP A 220 -17.48 -41.68 -1.00
C ASP A 220 -16.09 -41.09 -0.80
N SER A 221 -15.33 -40.97 -1.88
CA SER A 221 -13.98 -40.42 -1.83
C SER A 221 -14.01 -38.94 -1.41
N PHE A 222 -15.00 -38.21 -1.93
CA PHE A 222 -15.16 -36.79 -1.61
C PHE A 222 -15.45 -36.66 -0.12
N ARG A 223 -16.35 -37.50 0.37
CA ARG A 223 -16.74 -37.49 1.77
C ARG A 223 -15.53 -37.72 2.67
N ARG A 224 -14.75 -38.76 2.36
CA ARG A 224 -13.57 -39.09 3.16
C ARG A 224 -12.48 -38.05 3.06
N ASN A 225 -12.34 -37.44 1.89
CA ASN A 225 -11.32 -36.42 1.71
C ASN A 225 -11.67 -35.19 2.54
N LEU A 226 -12.95 -34.82 2.57
CA LEU A 226 -13.38 -33.67 3.36
C LEU A 226 -13.07 -33.91 4.83
N GLU A 227 -13.34 -35.13 5.32
CA GLU A 227 -13.10 -35.47 6.71
C GLU A 227 -11.64 -35.39 7.11
N ARG A 228 -10.74 -35.93 6.29
CA ARG A 228 -9.32 -35.87 6.65
C ARG A 228 -8.80 -34.44 6.70
N PHE A 229 -9.22 -33.59 5.76
CA PHE A 229 -8.76 -32.21 5.81
C PHE A 229 -9.37 -31.48 7.01
N ALA A 230 -10.61 -31.81 7.33
CA ALA A 230 -11.27 -31.17 8.47
C ALA A 230 -10.53 -31.54 9.75
N LYS A 231 -10.05 -32.79 9.82
CA LYS A 231 -9.34 -33.24 11.01
C LYS A 231 -7.98 -32.57 11.20
N LEU A 232 -7.50 -31.86 10.18
CA LEU A 232 -6.23 -31.15 10.30
C LEU A 232 -6.48 -29.80 10.97
N GLY A 233 -7.75 -29.56 11.32
CA GLY A 233 -8.13 -28.31 11.95
C GLY A 233 -8.35 -27.23 10.90
N LEU A 234 -8.80 -27.64 9.73
CA LEU A 234 -9.03 -26.70 8.63
C LEU A 234 -10.49 -26.37 8.38
N GLN A 235 -10.74 -25.13 7.99
CA GLN A 235 -12.08 -24.70 7.63
C GLN A 235 -12.11 -25.09 6.14
N ILE A 236 -13.26 -25.51 5.64
CA ILE A 236 -13.36 -25.92 4.24
C ILE A 236 -14.25 -25.01 3.42
N TYR A 237 -13.79 -24.70 2.21
CA TYR A 237 -14.54 -23.84 1.30
C TYR A 237 -14.63 -24.44 -0.10
N ILE A 238 -15.84 -24.46 -0.65
CA ILE A 238 -16.05 -24.93 -2.04
C ILE A 238 -16.01 -23.54 -2.71
N THR A 239 -14.96 -23.30 -3.47
CA THR A 239 -14.72 -21.98 -4.05
C THR A 239 -15.11 -21.55 -5.45
N GLU A 240 -15.05 -22.45 -6.43
CA GLU A 240 -15.35 -22.04 -7.81
C GLU A 240 -16.22 -23.07 -8.55
N MET A 241 -17.26 -23.51 -7.88
CA MET A 241 -18.12 -24.54 -8.44
C MET A 241 -18.88 -24.26 -9.73
N ASP A 242 -18.82 -25.23 -10.62
CA ASP A 242 -19.57 -25.24 -11.87
C ASP A 242 -19.62 -26.68 -12.34
N VAL A 243 -20.75 -27.04 -12.91
CA VAL A 243 -20.99 -28.41 -13.37
C VAL A 243 -21.29 -28.37 -14.86
N ARG A 244 -20.24 -28.38 -15.67
CA ARG A 244 -20.38 -28.29 -17.11
C ARG A 244 -21.12 -29.46 -17.74
N ILE A 245 -21.92 -29.17 -18.76
CA ILE A 245 -22.67 -30.20 -19.46
C ILE A 245 -22.40 -30.04 -20.95
N PRO A 246 -22.53 -31.13 -21.73
CA PRO A 246 -22.28 -31.02 -23.17
C PRO A 246 -23.32 -30.10 -23.81
N LEU A 247 -22.94 -29.45 -24.90
CA LEU A 247 -23.86 -28.54 -25.59
C LEU A 247 -24.32 -29.15 -26.92
N SER A 248 -24.84 -30.37 -26.88
CA SER A 248 -25.30 -31.02 -28.10
C SER A 248 -26.49 -31.96 -27.91
N GLY A 249 -26.30 -33.02 -27.12
CA GLY A 249 -27.37 -33.97 -26.88
C GLY A 249 -28.61 -33.38 -26.23
N SER A 250 -29.27 -34.19 -25.41
CA SER A 250 -30.48 -33.76 -24.71
C SER A 250 -30.18 -32.85 -23.54
N GLU A 251 -30.42 -31.56 -23.72
CA GLU A 251 -30.18 -30.58 -22.67
C GLU A 251 -30.95 -30.96 -21.40
N GLU A 252 -32.22 -31.38 -21.59
CA GLU A 252 -33.07 -31.77 -20.47
C GLU A 252 -32.42 -32.88 -19.63
N TYR A 253 -31.85 -33.86 -20.30
CA TYR A 253 -31.20 -34.97 -19.61
C TYR A 253 -29.97 -34.48 -18.83
N TYR A 254 -29.16 -33.64 -19.47
CA TYR A 254 -27.96 -33.12 -18.83
C TYR A 254 -28.26 -32.18 -17.65
N LEU A 255 -29.30 -31.37 -17.78
CA LEU A 255 -29.67 -30.44 -16.71
C LEU A 255 -30.18 -31.22 -15.50
N LYS A 256 -30.76 -32.39 -15.77
CA LYS A 256 -31.28 -33.25 -14.71
C LYS A 256 -30.08 -33.82 -13.94
N LYS A 257 -29.08 -34.28 -14.69
CA LYS A 257 -27.88 -34.84 -14.09
C LYS A 257 -27.14 -33.75 -13.32
N GLN A 258 -27.11 -32.56 -13.89
CA GLN A 258 -26.46 -31.41 -13.27
C GLN A 258 -27.12 -31.13 -11.92
N ALA A 259 -28.45 -31.18 -11.90
CA ALA A 259 -29.19 -30.94 -10.67
C ALA A 259 -28.89 -32.01 -9.64
N GLU A 260 -28.78 -33.26 -10.08
CA GLU A 260 -28.48 -34.37 -9.17
C GLU A 260 -27.10 -34.21 -8.55
N VAL A 261 -26.13 -33.82 -9.37
CA VAL A 261 -24.76 -33.61 -8.90
C VAL A 261 -24.73 -32.51 -7.85
N CYS A 262 -25.33 -31.37 -8.14
CA CYS A 262 -25.35 -30.25 -7.21
C CYS A 262 -25.97 -30.65 -5.88
N ALA A 263 -27.14 -31.30 -5.95
CA ALA A 263 -27.83 -31.73 -4.75
C ALA A 263 -26.95 -32.62 -3.89
N LYS A 264 -26.26 -33.57 -4.54
CA LYS A 264 -25.40 -34.48 -3.82
C LYS A 264 -24.22 -33.75 -3.17
N ILE A 265 -23.60 -32.85 -3.91
CA ILE A 265 -22.46 -32.10 -3.38
C ILE A 265 -22.88 -31.29 -2.16
N PHE A 266 -24.02 -30.61 -2.26
CA PHE A 266 -24.53 -29.81 -1.15
C PHE A 266 -24.87 -30.70 0.04
N ASP A 267 -25.48 -31.85 -0.24
CA ASP A 267 -25.87 -32.78 0.82
C ASP A 267 -24.65 -33.19 1.63
N ILE A 268 -23.58 -33.58 0.94
CA ILE A 268 -22.34 -34.00 1.58
C ILE A 268 -21.64 -32.86 2.32
N CYS A 269 -21.55 -31.70 1.68
CA CYS A 269 -20.91 -30.56 2.31
C CYS A 269 -21.60 -30.13 3.60
N LEU A 270 -22.93 -30.05 3.55
CA LEU A 270 -23.69 -29.63 4.73
C LEU A 270 -23.56 -30.62 5.89
N ASP A 271 -23.18 -31.85 5.58
CA ASP A 271 -23.03 -32.88 6.60
C ASP A 271 -21.67 -32.83 7.30
N ASN A 272 -20.81 -31.93 6.85
CA ASN A 272 -19.49 -31.77 7.46
C ASN A 272 -19.44 -30.33 7.97
N PRO A 273 -19.47 -30.15 9.30
CA PRO A 273 -19.44 -28.84 9.97
C PRO A 273 -18.26 -27.95 9.59
N ALA A 274 -17.22 -28.54 9.01
CA ALA A 274 -16.04 -27.78 8.64
C ALA A 274 -16.24 -26.93 7.38
N VAL A 275 -17.22 -27.30 6.56
CA VAL A 275 -17.50 -26.55 5.33
C VAL A 275 -18.24 -25.28 5.73
N LYS A 276 -17.59 -24.14 5.48
CA LYS A 276 -18.14 -22.84 5.86
C LYS A 276 -18.84 -22.08 4.75
N ALA A 277 -18.51 -22.40 3.50
CA ALA A 277 -19.14 -21.70 2.39
C ALA A 277 -19.06 -22.49 1.11
N ILE A 278 -20.01 -22.22 0.22
CA ILE A 278 -20.08 -22.85 -1.08
C ILE A 278 -20.33 -21.76 -2.12
N GLN A 279 -19.42 -21.60 -3.07
CA GLN A 279 -19.58 -20.59 -4.10
C GLN A 279 -19.45 -21.19 -5.48
N PHE A 280 -20.16 -20.60 -6.43
CA PHE A 280 -20.10 -21.03 -7.83
C PHE A 280 -19.22 -20.02 -8.55
N TRP A 281 -18.50 -20.46 -9.58
CA TRP A 281 -17.63 -19.53 -10.31
C TRP A 281 -18.52 -18.75 -11.27
N GLY A 282 -19.37 -17.91 -10.67
CA GLY A 282 -20.32 -17.11 -11.43
C GLY A 282 -21.69 -17.60 -11.00
N PHE A 283 -22.75 -17.18 -11.68
CA PHE A 283 -24.08 -17.69 -11.31
C PHE A 283 -25.03 -17.81 -12.50
N THR A 284 -24.75 -17.08 -13.57
CA THR A 284 -25.59 -17.17 -14.77
C THR A 284 -24.74 -17.61 -15.95
N ASP A 285 -25.29 -18.51 -16.76
CA ASP A 285 -24.58 -19.02 -17.93
C ASP A 285 -24.25 -17.93 -18.94
N LYS A 286 -24.83 -16.75 -18.75
CA LYS A 286 -24.55 -15.64 -19.65
C LYS A 286 -23.10 -15.19 -19.44
N TYR A 287 -22.63 -15.33 -18.22
CA TYR A 287 -21.27 -14.94 -17.85
C TYR A 287 -20.54 -16.09 -17.17
N SER A 288 -19.82 -16.87 -17.97
CA SER A 288 -19.08 -18.02 -17.45
C SER A 288 -17.82 -18.31 -18.27
N TRP A 289 -16.74 -18.68 -17.59
CA TRP A 289 -15.47 -18.98 -18.24
C TRP A 289 -15.46 -20.36 -18.89
N VAL A 290 -16.36 -21.23 -18.46
CA VAL A 290 -16.41 -22.61 -18.97
C VAL A 290 -16.42 -22.79 -20.49
N PRO A 291 -17.39 -22.19 -21.19
CA PRO A 291 -17.46 -22.33 -22.66
C PRO A 291 -16.15 -22.06 -23.38
N GLY A 292 -15.38 -21.09 -22.89
CA GLY A 292 -14.12 -20.76 -23.52
C GLY A 292 -12.95 -21.64 -23.11
N PHE A 293 -13.06 -22.32 -21.98
CA PHE A 293 -11.99 -23.18 -21.50
C PHE A 293 -12.22 -24.67 -21.80
N PHE A 294 -13.47 -25.10 -21.70
CA PHE A 294 -13.83 -26.50 -21.95
C PHE A 294 -14.60 -26.65 -23.26
N LYS A 295 -13.87 -27.00 -24.32
CA LYS A 295 -14.46 -27.16 -25.64
C LYS A 295 -15.62 -28.14 -25.69
N GLY A 296 -16.76 -27.67 -26.22
CA GLY A 296 -17.94 -28.51 -26.34
C GLY A 296 -18.83 -28.53 -25.10
N TYR A 297 -18.42 -27.81 -24.06
CA TYR A 297 -19.20 -27.76 -22.82
C TYR A 297 -19.63 -26.35 -22.43
N GLY A 298 -20.54 -26.27 -21.47
CA GLY A 298 -21.04 -24.99 -21.01
C GLY A 298 -22.26 -25.16 -20.12
N LYS A 299 -23.10 -24.13 -20.04
CA LYS A 299 -24.32 -24.14 -19.24
C LYS A 299 -24.07 -24.83 -17.90
N ALA A 300 -22.99 -24.42 -17.24
CA ALA A 300 -22.58 -25.01 -15.97
C ALA A 300 -23.01 -24.30 -14.70
N LEU A 301 -23.81 -23.23 -14.81
CA LEU A 301 -24.20 -22.48 -13.63
C LEU A 301 -25.64 -22.64 -13.10
N LEU A 302 -26.04 -21.75 -12.21
CA LEU A 302 -27.36 -21.80 -11.57
C LEU A 302 -28.53 -21.22 -12.33
N PHE A 303 -28.29 -20.16 -13.09
CA PHE A 303 -29.36 -19.53 -13.87
C PHE A 303 -28.94 -19.55 -15.33
N ASP A 304 -29.92 -19.56 -16.23
CA ASP A 304 -29.59 -19.56 -17.66
C ASP A 304 -29.24 -18.16 -18.15
N GLU A 305 -29.10 -18.01 -19.46
CA GLU A 305 -28.74 -16.74 -20.08
C GLU A 305 -29.71 -15.58 -19.81
N ASN A 306 -30.95 -15.91 -19.45
CA ASN A 306 -31.97 -14.90 -19.18
C ASN A 306 -32.23 -14.75 -17.68
N TYR A 307 -31.31 -15.28 -16.88
CA TYR A 307 -31.40 -15.23 -15.42
C TYR A 307 -32.56 -16.02 -14.84
N ASN A 308 -33.02 -17.03 -15.58
CA ASN A 308 -34.10 -17.88 -15.07
C ASN A 308 -33.46 -19.06 -14.36
N PRO A 309 -34.00 -19.45 -13.19
CA PRO A 309 -33.45 -20.57 -12.43
C PRO A 309 -33.48 -21.88 -13.21
N LYS A 310 -32.38 -22.63 -13.15
CA LYS A 310 -32.28 -23.92 -13.83
C LYS A 310 -32.62 -25.02 -12.83
N PRO A 311 -32.83 -26.25 -13.30
CA PRO A 311 -33.16 -27.34 -12.37
C PRO A 311 -32.24 -27.43 -11.16
N CYS A 312 -30.94 -27.25 -11.37
CA CYS A 312 -30.00 -27.35 -10.27
C CYS A 312 -30.26 -26.31 -9.17
N TYR A 313 -30.75 -25.14 -9.54
CA TYR A 313 -31.04 -24.11 -8.54
C TYR A 313 -32.08 -24.65 -7.56
N TYR A 314 -33.17 -25.19 -8.09
CA TYR A 314 -34.22 -25.75 -7.24
C TYR A 314 -33.74 -26.96 -6.45
N ALA A 315 -32.94 -27.80 -7.07
CA ALA A 315 -32.43 -28.99 -6.38
C ALA A 315 -31.62 -28.58 -5.16
N ILE A 316 -30.79 -27.54 -5.31
CA ILE A 316 -29.98 -27.06 -4.19
C ILE A 316 -30.86 -26.46 -3.11
N LYS A 317 -31.83 -25.65 -3.50
CA LYS A 317 -32.73 -25.03 -2.54
C LYS A 317 -33.44 -26.10 -1.73
N GLU A 318 -33.88 -27.16 -2.41
CA GLU A 318 -34.59 -28.26 -1.75
C GLU A 318 -33.73 -28.89 -0.66
N VAL A 319 -32.47 -29.18 -1.00
CA VAL A 319 -31.54 -29.77 -0.04
C VAL A 319 -31.35 -28.87 1.18
N LEU A 320 -31.14 -27.58 0.94
CA LEU A 320 -30.95 -26.62 2.02
C LEU A 320 -32.16 -26.61 2.95
N GLU A 321 -33.35 -26.57 2.36
CA GLU A 321 -34.59 -26.56 3.14
C GLU A 321 -34.70 -27.83 3.98
N LYS A 322 -34.29 -28.96 3.39
CA LYS A 322 -34.34 -30.24 4.07
C LYS A 322 -33.45 -30.23 5.32
N LYS A 323 -32.22 -29.75 5.16
CA LYS A 323 -31.27 -29.70 6.26
C LYS A 323 -31.79 -28.81 7.39
N ILE A 324 -32.37 -27.67 7.01
CA ILE A 324 -32.92 -26.73 7.98
C ILE A 324 -34.00 -27.37 8.84
N GLU A 325 -34.85 -28.19 8.22
CA GLU A 325 -35.92 -28.83 8.97
C GLU A 325 -35.39 -29.98 9.82
N GLU A 326 -34.39 -30.69 9.31
CA GLU A 326 -33.80 -31.81 10.04
C GLU A 326 -33.18 -31.33 11.33
N ARG A 327 -32.81 -30.06 11.39
CA ARG A 327 -32.21 -29.49 12.58
C ARG A 327 -32.62 -28.03 12.77
N VAL B 4 37.99 18.19 -0.36
CA VAL B 4 37.05 17.62 0.64
C VAL B 4 35.65 18.15 0.39
N SER B 5 34.69 17.23 0.31
CA SER B 5 33.29 17.59 0.06
C SER B 5 32.53 17.94 1.32
N LEU B 6 31.33 18.48 1.16
CA LEU B 6 30.51 18.84 2.30
C LEU B 6 30.13 17.59 3.09
N ARG B 7 29.77 16.52 2.39
CA ARG B 7 29.37 15.29 3.09
C ARG B 7 30.49 14.65 3.88
N GLU B 8 31.73 14.74 3.39
CA GLU B 8 32.87 14.16 4.10
C GLU B 8 33.04 14.90 5.42
N LEU B 9 32.92 16.22 5.38
CA LEU B 9 33.04 17.04 6.57
C LEU B 9 31.88 16.75 7.52
N ALA B 10 30.69 16.62 6.94
CA ALA B 10 29.48 16.35 7.71
C ALA B 10 29.63 15.06 8.49
N GLU B 11 30.09 14.01 7.81
CA GLU B 11 30.26 12.72 8.45
C GLU B 11 31.24 12.78 9.60
N LYS B 12 32.22 13.68 9.52
CA LYS B 12 33.19 13.84 10.58
C LYS B 12 32.57 14.55 11.77
N LEU B 13 31.52 15.32 11.51
CA LEU B 13 30.82 16.05 12.57
C LEU B 13 29.59 15.29 13.04
N ASN B 14 29.41 14.09 12.50
CA ASN B 14 28.29 13.22 12.84
C ASN B 14 26.93 13.83 12.52
N ILE B 15 26.86 14.55 11.40
CA ILE B 15 25.60 15.16 10.96
C ILE B 15 25.45 14.92 9.47
N TYR B 16 24.27 15.22 8.94
CA TYR B 16 24.02 15.05 7.52
C TYR B 16 23.87 16.44 6.88
N ILE B 17 24.33 16.55 5.64
CA ILE B 17 24.21 17.80 4.90
C ILE B 17 23.66 17.38 3.54
N GLY B 18 22.51 17.93 3.18
CA GLY B 18 21.90 17.51 1.93
C GLY B 18 21.08 18.51 1.15
N PHE B 19 20.20 17.97 0.31
CA PHE B 19 19.39 18.78 -0.58
C PHE B 19 18.03 18.19 -0.89
N ALA B 20 17.24 18.95 -1.65
CA ALA B 20 15.93 18.52 -2.10
C ALA B 20 16.13 18.19 -3.58
N ALA B 21 15.70 16.98 -3.97
CA ALA B 21 15.85 16.52 -5.35
C ALA B 21 14.68 16.86 -6.25
N ILE B 22 14.96 17.56 -7.34
CA ILE B 22 13.93 17.97 -8.28
C ILE B 22 13.22 16.78 -8.96
N ASN B 23 11.98 17.00 -9.37
CA ASN B 23 11.18 15.97 -10.04
C ASN B 23 11.93 15.40 -11.23
N ASN B 24 11.91 14.07 -11.36
CA ASN B 24 12.56 13.40 -12.49
C ASN B 24 13.97 13.91 -12.76
N PHE B 25 14.78 14.06 -11.73
CA PHE B 25 16.14 14.56 -11.93
C PHE B 25 16.96 13.64 -12.83
N TRP B 26 16.60 12.36 -12.86
CA TRP B 26 17.32 11.37 -13.67
C TRP B 26 17.08 11.51 -15.17
N SER B 27 16.03 12.24 -15.56
CA SER B 27 15.73 12.42 -16.97
C SER B 27 16.01 13.86 -17.42
N LEU B 28 16.67 14.64 -16.57
CA LEU B 28 16.99 16.03 -16.91
C LEU B 28 17.98 16.05 -18.07
N SER B 29 17.98 17.14 -18.84
CA SER B 29 18.90 17.28 -19.95
C SER B 29 20.32 17.16 -19.42
N ASP B 30 20.54 17.68 -18.22
CA ASP B 30 21.85 17.63 -17.59
C ASP B 30 21.83 16.74 -16.33
N ALA B 31 21.12 15.63 -16.42
CA ALA B 31 20.98 14.69 -15.32
C ALA B 31 22.31 14.17 -14.79
N GLU B 32 23.23 13.86 -15.71
CA GLU B 32 24.54 13.35 -15.31
C GLU B 32 25.27 14.34 -14.40
N LYS B 33 25.34 15.60 -14.83
CA LYS B 33 26.01 16.63 -14.05
C LYS B 33 25.30 16.88 -12.72
N TYR B 34 23.98 16.99 -12.79
CA TYR B 34 23.18 17.22 -11.58
C TYR B 34 23.43 16.11 -10.58
N MET B 35 23.34 14.85 -11.04
CA MET B 35 23.57 13.73 -10.15
C MET B 35 24.98 13.67 -9.60
N GLU B 36 25.97 14.00 -10.42
CA GLU B 36 27.37 13.97 -10.00
C GLU B 36 27.65 14.94 -8.85
N VAL B 37 27.24 16.19 -9.00
CA VAL B 37 27.46 17.18 -7.96
C VAL B 37 26.78 16.72 -6.67
N ALA B 38 25.56 16.25 -6.81
CA ALA B 38 24.79 15.77 -5.66
C ALA B 38 25.45 14.62 -4.91
N ARG B 39 25.86 13.56 -5.61
CA ARG B 39 26.48 12.43 -4.92
C ARG B 39 27.82 12.79 -4.31
N ARG B 40 28.51 13.76 -4.91
CA ARG B 40 29.81 14.19 -4.42
C ARG B 40 29.71 14.99 -3.12
N GLU B 41 28.69 15.84 -3.04
CA GLU B 41 28.53 16.74 -1.89
C GLU B 41 27.59 16.39 -0.74
N PHE B 42 26.56 15.59 -1.00
CA PHE B 42 25.56 15.33 0.04
C PHE B 42 25.33 13.90 0.50
N ASN B 43 24.83 13.75 1.73
CA ASN B 43 24.53 12.42 2.26
C ASN B 43 23.11 12.29 2.82
N ILE B 44 22.23 13.20 2.42
CA ILE B 44 20.82 13.16 2.82
C ILE B 44 20.01 13.79 1.68
N LEU B 45 18.93 13.13 1.30
CA LEU B 45 18.09 13.60 0.20
C LEU B 45 16.60 13.65 0.53
N THR B 46 15.95 14.75 0.13
CA THR B 46 14.52 14.92 0.32
C THR B 46 13.89 15.07 -1.06
N PRO B 47 12.94 14.19 -1.43
CA PRO B 47 12.33 14.34 -2.76
C PRO B 47 11.53 15.64 -2.69
N GLU B 48 11.88 16.62 -3.52
CA GLU B 48 11.20 17.91 -3.49
C GLU B 48 9.66 17.86 -3.63
N ASN B 49 9.15 16.96 -4.47
CA ASN B 49 7.69 16.86 -4.68
C ASN B 49 7.13 15.45 -4.88
N GLN B 50 7.96 14.53 -5.36
CA GLN B 50 7.42 13.20 -5.68
C GLN B 50 6.97 12.23 -4.60
N MET B 51 6.94 12.70 -3.35
CA MET B 51 6.39 11.90 -2.26
C MET B 51 5.13 12.62 -1.77
N LYS B 52 4.80 13.74 -2.39
CA LYS B 52 3.60 14.50 -2.01
C LYS B 52 2.35 13.81 -2.55
N TRP B 53 1.22 14.08 -1.91
CA TRP B 53 -0.08 13.49 -2.27
C TRP B 53 -0.41 13.37 -3.75
N ASP B 54 -0.39 14.49 -4.46
CA ASP B 54 -0.73 14.49 -5.87
C ASP B 54 0.05 13.50 -6.72
N THR B 55 1.30 13.24 -6.37
CA THR B 55 2.11 12.30 -7.14
C THR B 55 1.96 10.87 -6.67
N ILE B 56 2.11 10.66 -5.37
CA ILE B 56 2.07 9.33 -4.79
C ILE B 56 0.68 8.71 -4.59
N HIS B 57 -0.35 9.55 -4.52
CA HIS B 57 -1.71 9.05 -4.29
C HIS B 57 -2.65 9.88 -5.17
N PRO B 58 -2.50 9.77 -6.50
CA PRO B 58 -3.26 10.46 -7.54
C PRO B 58 -4.77 10.24 -7.55
N GLU B 59 -5.22 9.07 -7.11
CA GLU B 59 -6.67 8.77 -7.06
C GLU B 59 -6.91 8.09 -5.73
N ARG B 60 -8.14 8.15 -5.23
CA ARG B 60 -8.44 7.55 -3.95
C ARG B 60 -7.94 6.12 -3.76
N ASP B 61 -8.06 5.30 -4.80
CA ASP B 61 -7.65 3.90 -4.71
C ASP B 61 -6.42 3.54 -5.53
N ARG B 62 -5.65 4.54 -5.94
CA ARG B 62 -4.44 4.32 -6.72
C ARG B 62 -3.22 4.93 -6.05
N TYR B 63 -2.14 4.15 -6.01
CA TYR B 63 -0.89 4.62 -5.42
C TYR B 63 0.21 4.45 -6.46
N ASN B 64 1.02 5.50 -6.63
CA ASN B 64 2.13 5.48 -7.57
C ASN B 64 3.44 5.81 -6.85
N PHE B 65 4.20 4.77 -6.50
CA PHE B 65 5.46 4.93 -5.80
C PHE B 65 6.65 4.98 -6.75
N THR B 66 6.39 4.82 -8.03
CA THR B 66 7.47 4.80 -9.03
C THR B 66 8.45 5.97 -8.96
N PRO B 67 7.96 7.22 -9.05
CA PRO B 67 8.88 8.36 -8.99
C PRO B 67 9.68 8.36 -7.69
N ALA B 68 8.99 8.20 -6.57
CA ALA B 68 9.64 8.19 -5.26
C ALA B 68 10.70 7.11 -5.16
N GLU B 69 10.44 5.94 -5.74
CA GLU B 69 11.40 4.85 -5.69
C GLU B 69 12.71 5.26 -6.38
N LYS B 70 12.61 6.04 -7.45
CA LYS B 70 13.79 6.50 -8.17
C LYS B 70 14.67 7.35 -7.23
N HIS B 71 14.03 8.15 -6.39
CA HIS B 71 14.73 9.01 -5.44
C HIS B 71 15.42 8.16 -4.39
N VAL B 72 14.68 7.17 -3.88
CA VAL B 72 15.21 6.28 -2.86
C VAL B 72 16.38 5.48 -3.42
N GLU B 73 16.21 4.97 -4.63
CA GLU B 73 17.25 4.19 -5.30
C GLU B 73 18.53 5.00 -5.47
N PHE B 74 18.41 6.25 -5.90
CA PHE B 74 19.57 7.10 -6.07
C PHE B 74 20.26 7.33 -4.72
N ALA B 75 19.46 7.62 -3.70
CA ALA B 75 20.00 7.85 -2.36
C ALA B 75 20.79 6.64 -1.86
N GLU B 76 20.17 5.47 -1.88
CA GLU B 76 20.80 4.25 -1.40
C GLU B 76 22.07 3.90 -2.17
N GLU B 77 22.01 4.07 -3.49
CA GLU B 77 23.17 3.76 -4.33
C GLU B 77 24.34 4.69 -4.04
N ASN B 78 24.02 5.89 -3.55
CA ASN B 78 25.04 6.88 -3.26
C ASN B 78 25.26 7.16 -1.78
N ASP B 79 24.95 6.17 -0.95
CA ASP B 79 25.15 6.28 0.49
C ASP B 79 24.50 7.50 1.14
N MET B 80 23.25 7.78 0.75
CA MET B 80 22.51 8.92 1.32
C MET B 80 21.28 8.41 2.05
N ILE B 81 20.91 9.04 3.16
CA ILE B 81 19.68 8.62 3.84
C ILE B 81 18.55 9.43 3.20
N VAL B 82 17.33 8.93 3.32
CA VAL B 82 16.19 9.61 2.71
C VAL B 82 15.28 10.30 3.72
N HIS B 83 14.93 11.54 3.39
CA HIS B 83 14.06 12.38 4.21
C HIS B 83 12.72 12.46 3.48
N GLY B 84 11.70 11.80 4.05
CA GLY B 84 10.37 11.79 3.45
C GLY B 84 9.63 13.11 3.60
N HIS B 85 8.92 13.53 2.56
CA HIS B 85 8.23 14.81 2.57
C HIS B 85 7.07 14.81 1.57
N THR B 86 5.82 15.02 2.00
CA THR B 86 5.41 15.22 3.39
C THR B 86 4.06 14.51 3.45
N LEU B 87 3.70 13.95 4.60
CA LEU B 87 2.47 13.18 4.73
C LEU B 87 1.16 13.96 4.83
N VAL B 88 1.18 15.09 5.52
CA VAL B 88 -0.02 15.91 5.69
C VAL B 88 0.32 17.37 5.41
N TRP B 89 -0.31 17.94 4.39
CA TRP B 89 -0.06 19.32 4.00
C TRP B 89 -1.32 19.86 3.31
N HIS B 90 -1.46 21.19 3.26
CA HIS B 90 -2.64 21.79 2.65
C HIS B 90 -2.50 22.11 1.16
N ASN B 91 -1.29 22.03 0.63
CA ASN B 91 -1.07 22.31 -0.79
C ASN B 91 -0.78 21.05 -1.58
N GLN B 92 -0.85 21.16 -2.90
CA GLN B 92 -0.58 20.03 -3.78
C GLN B 92 -1.39 18.80 -3.42
N LEU B 93 -2.67 19.02 -3.14
CA LEU B 93 -3.59 17.93 -2.83
C LEU B 93 -4.34 17.65 -4.12
N PRO B 94 -4.59 16.36 -4.42
CA PRO B 94 -5.31 15.96 -5.64
C PRO B 94 -6.80 16.31 -5.65
N GLY B 95 -7.37 16.32 -6.85
CA GLY B 95 -8.77 16.65 -7.02
C GLY B 95 -9.74 15.80 -6.21
N TRP B 96 -9.46 14.51 -6.04
CA TRP B 96 -10.39 13.68 -5.29
C TRP B 96 -10.49 14.08 -3.82
N ILE B 97 -9.54 14.88 -3.35
CA ILE B 97 -9.56 15.36 -1.97
C ILE B 97 -10.23 16.73 -1.89
N THR B 98 -9.74 17.66 -2.70
CA THR B 98 -10.27 19.03 -2.70
C THR B 98 -11.59 19.22 -3.44
N GLY B 99 -11.95 18.26 -4.28
CA GLY B 99 -13.18 18.40 -5.06
C GLY B 99 -14.49 17.94 -4.44
N ARG B 100 -14.46 17.45 -3.22
CA ARG B 100 -15.69 16.99 -2.58
C ARG B 100 -15.78 17.40 -1.12
N GLU B 101 -16.99 17.36 -0.57
CA GLU B 101 -17.20 17.72 0.83
C GLU B 101 -16.96 16.48 1.67
N TRP B 102 -16.33 16.67 2.82
CA TRP B 102 -16.01 15.57 3.72
C TRP B 102 -16.59 15.73 5.11
N THR B 103 -16.69 14.61 5.83
CA THR B 103 -17.15 14.63 7.21
C THR B 103 -15.94 14.16 8.00
N LYS B 104 -15.90 14.48 9.28
CA LYS B 104 -14.78 14.09 10.13
C LYS B 104 -14.37 12.63 9.99
N GLU B 105 -15.32 11.72 10.21
CA GLU B 105 -15.04 10.29 10.12
C GLU B 105 -14.45 9.86 8.78
N GLU B 106 -15.01 10.35 7.68
CA GLU B 106 -14.52 9.98 6.36
C GLU B 106 -13.09 10.48 6.10
N LEU B 107 -12.85 11.75 6.36
CA LEU B 107 -11.52 12.31 6.11
C LEU B 107 -10.46 11.68 7.00
N LEU B 108 -10.84 11.28 8.22
CA LEU B 108 -9.91 10.64 9.13
C LEU B 108 -9.48 9.29 8.58
N ASN B 109 -10.43 8.54 8.04
CA ASN B 109 -10.13 7.22 7.47
C ASN B 109 -9.22 7.38 6.26
N VAL B 110 -9.46 8.44 5.49
CA VAL B 110 -8.65 8.71 4.31
C VAL B 110 -7.23 9.06 4.72
N LEU B 111 -7.11 9.91 5.74
CA LEU B 111 -5.81 10.32 6.24
C LEU B 111 -5.01 9.13 6.77
N GLU B 112 -5.65 8.29 7.58
CA GLU B 112 -4.98 7.12 8.14
C GLU B 112 -4.53 6.15 7.04
N ASP B 113 -5.39 5.93 6.05
CA ASP B 113 -5.05 5.03 4.95
C ASP B 113 -3.85 5.55 4.17
N HIS B 114 -3.85 6.84 3.86
CA HIS B 114 -2.75 7.44 3.13
C HIS B 114 -1.44 7.27 3.89
N ILE B 115 -1.45 7.73 5.14
CA ILE B 115 -0.27 7.66 5.99
C ILE B 115 0.27 6.25 6.21
N LYS B 116 -0.60 5.31 6.56
CA LYS B 116 -0.12 3.94 6.77
C LYS B 116 0.40 3.29 5.49
N THR B 117 -0.28 3.54 4.38
CA THR B 117 0.15 2.97 3.10
C THR B 117 1.52 3.49 2.67
N VAL B 118 1.70 4.81 2.71
CA VAL B 118 2.95 5.41 2.30
C VAL B 118 4.13 5.10 3.23
N VAL B 119 3.91 5.23 4.53
CA VAL B 119 4.99 4.94 5.48
C VAL B 119 5.36 3.45 5.45
N SER B 120 4.35 2.59 5.37
CA SER B 120 4.61 1.16 5.33
C SER B 120 5.39 0.78 4.08
N HIS B 121 5.05 1.38 2.95
CA HIS B 121 5.73 1.09 1.70
C HIS B 121 7.24 1.33 1.80
N PHE B 122 7.65 2.41 2.45
CA PHE B 122 9.06 2.74 2.59
C PHE B 122 9.66 2.40 3.95
N LYS B 123 8.95 1.60 4.72
CA LYS B 123 9.39 1.19 6.05
C LYS B 123 10.87 0.81 6.08
N GLY B 124 11.62 1.46 6.96
CA GLY B 124 13.04 1.17 7.09
C GLY B 124 13.96 1.82 6.05
N ARG B 125 13.39 2.35 4.98
CA ARG B 125 14.19 2.98 3.92
C ARG B 125 14.14 4.51 3.96
N VAL B 126 13.15 5.06 4.67
CA VAL B 126 13.04 6.51 4.85
C VAL B 126 13.32 6.70 6.33
N LYS B 127 14.43 7.38 6.63
CA LYS B 127 14.82 7.58 8.02
C LYS B 127 14.09 8.70 8.74
N ILE B 128 13.69 9.72 7.98
CA ILE B 128 13.00 10.86 8.57
C ILE B 128 11.75 11.21 7.77
N TRP B 129 10.65 11.45 8.48
CA TRP B 129 9.40 11.82 7.83
C TRP B 129 8.87 13.16 8.30
N ASP B 130 8.53 14.03 7.35
CA ASP B 130 7.89 15.31 7.70
C ASP B 130 6.44 14.82 7.77
N VAL B 131 5.98 14.48 8.98
CA VAL B 131 4.61 13.97 9.11
C VAL B 131 3.57 15.05 8.85
N VAL B 132 3.71 16.18 9.54
CA VAL B 132 2.78 17.29 9.34
C VAL B 132 3.59 18.51 8.93
N ASN B 133 3.13 19.18 7.89
CA ASN B 133 3.82 20.34 7.36
C ASN B 133 2.95 21.59 7.41
N GLU B 134 3.49 22.66 7.97
CA GLU B 134 2.82 23.96 8.05
C GLU B 134 1.35 23.92 8.50
N ALA B 135 1.11 23.46 9.71
CA ALA B 135 -0.25 23.38 10.24
C ALA B 135 -0.61 24.63 11.03
N VAL B 136 0.34 25.54 11.17
CA VAL B 136 0.12 26.77 11.94
C VAL B 136 0.09 27.99 11.02
N SER B 137 -0.91 28.84 11.22
CA SER B 137 -1.02 30.05 10.39
C SER B 137 0.04 31.08 10.78
N ASP B 138 0.13 32.13 9.98
CA ASP B 138 1.08 33.20 10.24
C ASP B 138 0.41 34.20 11.18
N SER B 139 -0.61 33.73 11.89
CA SER B 139 -1.34 34.54 12.85
C SER B 139 -1.24 33.86 14.21
N GLY B 140 -0.38 32.85 14.31
CA GLY B 140 -0.19 32.14 15.56
C GLY B 140 -1.40 31.29 15.97
N THR B 141 -2.11 30.76 14.98
CA THR B 141 -3.28 29.92 15.22
C THR B 141 -3.24 28.72 14.27
N TYR B 142 -4.13 27.77 14.45
CA TYR B 142 -4.15 26.61 13.56
C TYR B 142 -4.56 27.03 12.16
N ARG B 143 -3.83 26.55 11.16
CA ARG B 143 -4.14 26.89 9.77
C ARG B 143 -5.47 26.25 9.38
N GLU B 144 -6.34 27.05 8.79
CA GLU B 144 -7.66 26.57 8.36
C GLU B 144 -7.63 25.72 7.10
N SER B 145 -6.90 24.61 7.14
CA SER B 145 -6.80 23.70 6.01
C SER B 145 -8.00 22.75 5.97
N VAL B 146 -8.13 22.00 4.89
CA VAL B 146 -9.22 21.05 4.77
C VAL B 146 -9.18 20.08 5.94
N TRP B 147 -7.97 19.72 6.37
CA TRP B 147 -7.78 18.78 7.48
C TRP B 147 -8.31 19.36 8.79
N TYR B 148 -7.88 20.58 9.11
CA TYR B 148 -8.31 21.21 10.35
C TYR B 148 -9.80 21.54 10.40
N LYS B 149 -10.32 22.12 9.32
CA LYS B 149 -11.73 22.49 9.28
C LYS B 149 -12.66 21.30 9.37
N THR B 150 -12.24 20.17 8.80
CA THR B 150 -13.06 18.96 8.79
C THR B 150 -12.91 18.09 10.02
N ILE B 151 -11.67 17.91 10.46
CA ILE B 151 -11.35 17.04 11.58
C ILE B 151 -11.13 17.71 12.93
N GLY B 152 -10.63 18.94 12.90
CA GLY B 152 -10.33 19.62 14.14
C GLY B 152 -8.84 19.39 14.37
N PRO B 153 -8.26 19.91 15.47
CA PRO B 153 -6.83 19.73 15.76
C PRO B 153 -6.32 18.30 15.96
N GLU B 154 -7.23 17.36 16.16
CA GLU B 154 -6.80 15.98 16.38
C GLU B 154 -6.14 15.31 15.17
N TYR B 155 -6.25 15.90 13.98
CA TYR B 155 -5.64 15.26 12.82
C TYR B 155 -4.11 15.24 12.96
N ILE B 156 -3.57 16.22 13.66
CA ILE B 156 -2.12 16.31 13.86
C ILE B 156 -1.63 15.17 14.76
N GLU B 157 -2.25 15.02 15.93
CA GLU B 157 -1.88 13.97 16.85
C GLU B 157 -2.03 12.59 16.19
N LYS B 158 -3.16 12.38 15.53
CA LYS B 158 -3.41 11.11 14.87
C LYS B 158 -2.41 10.82 13.75
N ALA B 159 -2.04 11.85 12.99
CA ALA B 159 -1.08 11.66 11.91
C ALA B 159 0.23 11.09 12.44
N PHE B 160 0.72 11.63 13.55
CA PHE B 160 1.97 11.15 14.13
C PHE B 160 1.83 9.72 14.66
N ARG B 161 0.73 9.45 15.36
CA ARG B 161 0.50 8.12 15.91
C ARG B 161 0.45 7.06 14.80
N TRP B 162 -0.29 7.36 13.74
CA TRP B 162 -0.41 6.41 12.64
C TRP B 162 0.90 6.19 11.89
N ALA B 163 1.69 7.26 11.74
CA ALA B 163 2.98 7.13 11.04
C ALA B 163 3.94 6.26 11.86
N LYS B 164 3.94 6.46 13.17
CA LYS B 164 4.82 5.70 14.05
C LYS B 164 4.45 4.22 14.05
N GLU B 165 3.16 3.93 13.90
CA GLU B 165 2.68 2.56 13.86
C GLU B 165 3.18 1.91 12.56
N ALA B 166 3.16 2.67 11.48
CA ALA B 166 3.60 2.17 10.19
C ALA B 166 5.10 1.92 10.15
N ASP B 167 5.87 2.73 10.88
CA ASP B 167 7.33 2.54 10.95
C ASP B 167 7.87 3.10 12.25
N PRO B 168 7.94 2.26 13.29
CA PRO B 168 8.43 2.62 14.62
C PRO B 168 9.85 3.18 14.63
N ASP B 169 10.65 2.82 13.64
CA ASP B 169 12.03 3.27 13.56
C ASP B 169 12.24 4.61 12.86
N ALA B 170 11.20 5.12 12.21
CA ALA B 170 11.29 6.39 11.51
C ALA B 170 11.23 7.57 12.47
N ILE B 171 12.07 8.58 12.21
CA ILE B 171 12.10 9.79 13.02
C ILE B 171 10.99 10.67 12.44
N LEU B 172 9.99 10.96 13.27
CA LEU B 172 8.84 11.75 12.84
C LEU B 172 8.95 13.20 13.27
N ILE B 173 8.86 14.12 12.31
CA ILE B 173 8.97 15.53 12.67
C ILE B 173 7.85 16.42 12.14
N TYR B 174 7.76 17.61 12.75
CA TYR B 174 6.81 18.63 12.37
C TYR B 174 7.68 19.64 11.62
N ASN B 175 7.27 20.04 10.42
CA ASN B 175 8.07 20.95 9.60
C ASN B 175 7.31 22.26 9.36
N ASP B 176 8.01 23.39 9.46
CA ASP B 176 7.34 24.67 9.23
C ASP B 176 8.30 25.79 8.88
N TYR B 177 7.75 26.89 8.37
CA TYR B 177 8.55 28.03 8.01
C TYR B 177 8.29 29.23 8.94
N SER B 178 9.24 30.15 8.95
CA SER B 178 9.15 31.36 9.76
C SER B 178 9.01 31.10 11.26
N ILE B 179 9.56 29.99 11.71
CA ILE B 179 9.53 29.68 13.13
C ILE B 179 10.96 29.50 13.64
N GLU B 180 11.94 30.01 12.89
CA GLU B 180 13.34 29.91 13.32
C GLU B 180 13.58 30.74 14.57
N GLU B 181 13.02 31.95 14.61
CA GLU B 181 13.19 32.84 15.76
C GLU B 181 12.05 32.65 16.73
N ILE B 182 12.18 33.29 17.90
CA ILE B 182 11.14 33.26 18.91
C ILE B 182 10.13 34.30 18.45
N ASN B 183 8.92 33.85 18.18
CA ASN B 183 7.86 34.76 17.75
C ASN B 183 6.49 34.12 17.99
N ALA B 184 5.42 34.80 17.61
CA ALA B 184 4.09 34.28 17.83
C ALA B 184 3.88 32.89 17.23
N LYS B 185 4.38 32.70 16.00
CA LYS B 185 4.23 31.41 15.33
C LYS B 185 5.01 30.29 15.99
N SER B 186 6.29 30.53 16.28
CA SER B 186 7.09 29.50 16.93
C SER B 186 6.58 29.24 18.35
N ASN B 187 6.04 30.26 19.02
CA ASN B 187 5.50 30.06 20.36
C ASN B 187 4.32 29.09 20.28
N PHE B 188 3.47 29.26 19.26
CA PHE B 188 2.32 28.38 19.09
C PHE B 188 2.80 26.95 18.81
N VAL B 189 3.80 26.83 17.93
CA VAL B 189 4.33 25.51 17.59
C VAL B 189 4.97 24.87 18.82
N TYR B 190 5.70 25.67 19.57
CA TYR B 190 6.36 25.18 20.77
C TYR B 190 5.32 24.60 21.73
N ASN B 191 4.30 25.38 22.04
CA ASN B 191 3.25 24.92 22.95
C ASN B 191 2.50 23.73 22.38
N MET B 192 2.28 23.73 21.07
CA MET B 192 1.57 22.64 20.41
C MET B 192 2.32 21.32 20.59
N ILE B 193 3.62 21.35 20.31
CA ILE B 193 4.45 20.15 20.41
C ILE B 193 4.65 19.73 21.88
N LYS B 194 4.70 20.72 22.77
CA LYS B 194 4.87 20.43 24.19
C LYS B 194 3.64 19.63 24.63
N GLU B 195 2.47 20.08 24.20
CA GLU B 195 1.20 19.42 24.54
C GLU B 195 1.11 18.02 23.93
N LEU B 196 1.53 17.89 22.68
CA LEU B 196 1.49 16.59 22.01
C LEU B 196 2.37 15.56 22.69
N LYS B 197 3.60 15.94 23.03
CA LYS B 197 4.51 15.00 23.68
C LYS B 197 4.04 14.64 25.09
N GLU B 198 3.37 15.58 25.75
CA GLU B 198 2.87 15.31 27.09
C GLU B 198 1.82 14.20 26.99
N LYS B 199 1.08 14.22 25.89
CA LYS B 199 0.03 13.23 25.64
C LYS B 199 0.60 11.96 25.01
N GLY B 200 1.92 11.83 25.01
CA GLY B 200 2.55 10.65 24.45
C GLY B 200 2.60 10.53 22.93
N VAL B 201 2.33 11.63 22.22
CA VAL B 201 2.38 11.60 20.77
C VAL B 201 3.84 11.53 20.33
N PRO B 202 4.17 10.62 19.39
CA PRO B 202 5.53 10.45 18.89
C PRO B 202 6.12 11.54 17.97
N VAL B 203 6.22 12.77 18.48
CA VAL B 203 6.84 13.84 17.69
C VAL B 203 8.31 13.77 18.08
N ASP B 204 9.13 13.16 17.21
CA ASP B 204 10.55 12.99 17.51
C ASP B 204 11.42 14.22 17.25
N GLY B 205 11.01 15.07 16.32
CA GLY B 205 11.81 16.24 16.03
C GLY B 205 11.04 17.40 15.43
N ILE B 206 11.75 18.49 15.21
CA ILE B 206 11.18 19.70 14.62
C ILE B 206 12.01 20.09 13.40
N GLY B 207 11.33 20.53 12.34
CA GLY B 207 12.02 20.94 11.14
C GLY B 207 11.85 22.43 10.92
N PHE B 208 12.96 23.14 10.76
CA PHE B 208 12.95 24.58 10.51
C PHE B 208 13.31 24.73 9.04
N GLN B 209 12.34 25.13 8.21
CA GLN B 209 12.58 25.25 6.78
C GLN B 209 13.76 26.15 6.39
N MET B 210 13.89 27.26 7.10
CA MET B 210 14.98 28.21 6.86
C MET B 210 14.95 28.86 5.47
N HIS B 211 13.75 29.25 5.02
CA HIS B 211 13.62 29.95 3.75
C HIS B 211 13.82 31.42 4.14
N ILE B 212 15.08 31.88 4.13
CA ILE B 212 15.38 33.25 4.53
C ILE B 212 16.04 34.05 3.41
N ASP B 213 16.43 35.29 3.72
CA ASP B 213 17.10 36.10 2.70
C ASP B 213 18.46 36.60 3.18
N TYR B 214 19.13 37.38 2.34
CA TYR B 214 20.46 37.88 2.65
C TYR B 214 20.60 38.65 3.96
N ARG B 215 19.48 39.08 4.53
CA ARG B 215 19.52 39.82 5.78
C ARG B 215 19.64 38.91 7.00
N GLY B 216 19.55 37.60 6.77
CA GLY B 216 19.65 36.62 7.83
C GLY B 216 18.51 36.64 8.84
N LEU B 217 18.83 36.33 10.09
CA LEU B 217 17.85 36.30 11.16
C LEU B 217 18.42 36.97 12.39
N ASN B 218 17.62 37.07 13.44
CA ASN B 218 18.10 37.60 14.69
C ASN B 218 18.73 36.33 15.29
N TYR B 219 20.05 36.25 15.22
CA TYR B 219 20.78 35.08 15.67
C TYR B 219 20.61 34.72 17.14
N ASP B 220 20.49 35.72 18.02
CA ASP B 220 20.29 35.44 19.43
C ASP B 220 18.94 34.75 19.60
N SER B 221 17.93 35.24 18.89
CA SER B 221 16.61 34.65 18.99
C SER B 221 16.59 33.21 18.45
N PHE B 222 17.30 33.01 17.34
CA PHE B 222 17.40 31.68 16.71
C PHE B 222 18.08 30.71 17.67
N ARG B 223 19.16 31.16 18.29
CA ARG B 223 19.90 30.34 19.23
C ARG B 223 19.03 29.94 20.42
N ARG B 224 18.28 30.90 20.94
CA ARG B 224 17.40 30.62 22.08
C ARG B 224 16.24 29.71 21.68
N ASN B 225 15.72 29.90 20.47
CA ASN B 225 14.62 29.08 19.98
C ASN B 225 15.08 27.63 19.81
N LEU B 226 16.29 27.45 19.28
CA LEU B 226 16.84 26.10 19.10
C LEU B 226 16.94 25.38 20.44
N GLU B 227 17.42 26.10 21.45
CA GLU B 227 17.60 25.50 22.77
C GLU B 227 16.28 25.09 23.42
N ARG B 228 15.27 25.95 23.38
CA ARG B 228 14.00 25.59 23.99
C ARG B 228 13.38 24.38 23.31
N PHE B 229 13.52 24.27 21.98
CA PHE B 229 12.95 23.11 21.31
C PHE B 229 13.75 21.85 21.61
N ALA B 230 15.06 22.00 21.75
CA ALA B 230 15.91 20.86 22.07
C ALA B 230 15.54 20.33 23.46
N LYS B 231 15.26 21.26 24.38
CA LYS B 231 14.89 20.88 25.74
C LYS B 231 13.59 20.10 25.84
N LEU B 232 12.82 20.07 24.75
CA LEU B 232 11.57 19.32 24.76
C LEU B 232 11.90 17.86 24.43
N GLY B 233 13.17 17.58 24.20
CA GLY B 233 13.61 16.24 23.86
C GLY B 233 13.45 15.97 22.38
N LEU B 234 13.55 17.02 21.58
CA LEU B 234 13.39 16.92 20.13
C LEU B 234 14.70 16.96 19.36
N GLN B 235 14.74 16.24 18.24
CA GLN B 235 15.92 16.27 17.36
C GLN B 235 15.58 17.45 16.45
N ILE B 236 16.61 18.15 15.98
CA ILE B 236 16.36 19.31 15.14
C ILE B 236 16.90 19.18 13.72
N TYR B 237 16.10 19.59 12.76
CA TYR B 237 16.49 19.53 11.35
C TYR B 237 16.27 20.86 10.65
N ILE B 238 17.28 21.31 9.91
CA ILE B 238 17.17 22.52 9.09
C ILE B 238 16.84 21.81 7.78
N THR B 239 15.59 21.97 7.34
CA THR B 239 15.09 21.24 6.19
C THR B 239 15.02 21.76 4.76
N GLU B 240 14.80 23.05 4.57
CA GLU B 240 14.66 23.57 3.21
C GLU B 240 15.39 24.89 3.05
N MET B 241 16.61 24.95 3.53
CA MET B 241 17.34 26.20 3.48
C MET B 241 17.70 26.80 2.12
N ASP B 242 17.46 28.10 2.02
CA ASP B 242 17.85 28.89 0.86
C ASP B 242 17.91 30.33 1.35
N VAL B 243 18.86 31.08 0.83
CA VAL B 243 19.08 32.46 1.23
C VAL B 243 18.95 33.33 0.00
N ARG B 244 17.72 33.72 -0.30
CA ARG B 244 17.43 34.52 -1.49
C ARG B 244 18.02 35.92 -1.46
N ILE B 245 18.51 36.37 -2.62
CA ILE B 245 19.07 37.71 -2.75
C ILE B 245 18.37 38.42 -3.89
N PRO B 246 18.38 39.77 -3.88
CA PRO B 246 17.73 40.52 -4.96
C PRO B 246 18.46 40.23 -6.26
N LEU B 247 17.74 40.24 -7.37
CA LEU B 247 18.34 39.99 -8.67
C LEU B 247 18.73 41.29 -9.37
N SER B 248 18.50 42.40 -8.70
CA SER B 248 18.80 43.72 -9.27
C SER B 248 20.13 44.33 -8.83
N GLY B 249 20.28 44.62 -7.54
CA GLY B 249 21.51 45.23 -7.05
C GLY B 249 22.80 44.49 -7.30
N SER B 250 23.89 45.00 -6.74
CA SER B 250 25.22 44.40 -6.87
C SER B 250 25.22 42.94 -6.39
N GLU B 251 25.39 42.02 -7.33
CA GLU B 251 25.40 40.60 -6.99
C GLU B 251 26.55 40.24 -6.06
N GLU B 252 27.71 40.84 -6.31
CA GLU B 252 28.89 40.59 -5.49
C GLU B 252 28.58 40.89 -4.03
N TYR B 253 27.98 42.05 -3.78
CA TYR B 253 27.62 42.44 -2.42
C TYR B 253 26.64 41.47 -1.78
N TYR B 254 25.61 41.08 -2.51
CA TYR B 254 24.61 40.16 -1.99
C TYR B 254 25.15 38.76 -1.77
N LEU B 255 26.04 38.30 -2.66
CA LEU B 255 26.61 36.97 -2.52
C LEU B 255 27.49 36.94 -1.27
N LYS B 256 28.08 38.08 -0.93
CA LYS B 256 28.92 38.17 0.25
C LYS B 256 28.05 38.08 1.49
N LYS B 257 26.92 38.78 1.48
CA LYS B 257 25.98 38.77 2.61
C LYS B 257 25.45 37.35 2.76
N GLN B 258 25.16 36.73 1.62
CA GLN B 258 24.63 35.37 1.59
C GLN B 258 25.60 34.42 2.27
N ALA B 259 26.88 34.56 1.96
CA ALA B 259 27.92 33.72 2.55
C ALA B 259 27.98 33.93 4.06
N GLU B 260 27.90 35.18 4.48
CA GLU B 260 27.94 35.51 5.89
C GLU B 260 26.78 34.85 6.63
N VAL B 261 25.59 34.96 6.05
CA VAL B 261 24.39 34.37 6.63
C VAL B 261 24.53 32.85 6.77
N CYS B 262 24.96 32.20 5.70
CA CYS B 262 25.14 30.74 5.72
C CYS B 262 26.12 30.32 6.80
N ALA B 263 27.26 31.00 6.87
CA ALA B 263 28.28 30.68 7.85
C ALA B 263 27.76 30.80 9.27
N LYS B 264 27.00 31.86 9.52
CA LYS B 264 26.44 32.11 10.85
C LYS B 264 25.41 31.05 11.24
N ILE B 265 24.56 30.67 10.30
CA ILE B 265 23.54 29.66 10.56
C ILE B 265 24.21 28.34 10.90
N PHE B 266 25.22 27.97 10.12
CA PHE B 266 25.95 26.73 10.38
C PHE B 266 26.70 26.78 11.71
N ASP B 267 27.30 27.92 12.00
CA ASP B 267 28.04 28.11 13.24
C ASP B 267 27.12 27.83 14.43
N ILE B 268 25.94 28.44 14.43
CA ILE B 268 24.96 28.28 15.49
C ILE B 268 24.40 26.86 15.56
N CYS B 269 24.05 26.30 14.42
CA CYS B 269 23.51 24.95 14.37
C CYS B 269 24.48 23.90 14.89
N LEU B 270 25.75 24.01 14.49
CA LEU B 270 26.75 23.04 14.92
C LEU B 270 27.05 23.14 16.40
N ASP B 271 26.66 24.24 17.02
CA ASP B 271 26.90 24.43 18.45
C ASP B 271 25.79 23.84 19.31
N ASN B 272 24.75 23.31 18.66
CA ASN B 272 23.65 22.69 19.39
C ASN B 272 23.59 21.24 18.91
N PRO B 273 23.97 20.30 19.79
CA PRO B 273 23.98 18.87 19.48
C PRO B 273 22.66 18.26 19.02
N ALA B 274 21.56 18.97 19.23
CA ALA B 274 20.25 18.46 18.83
C ALA B 274 20.03 18.55 17.31
N VAL B 275 20.75 19.46 16.65
CA VAL B 275 20.61 19.60 15.19
C VAL B 275 21.30 18.40 14.55
N LYS B 276 20.53 17.56 13.87
CA LYS B 276 21.09 16.36 13.25
C LYS B 276 21.38 16.48 11.75
N ALA B 277 20.80 17.48 11.10
CA ALA B 277 21.03 17.64 9.67
C ALA B 277 20.67 19.03 9.19
N ILE B 278 21.32 19.44 8.12
CA ILE B 278 21.07 20.73 7.50
C ILE B 278 20.96 20.50 5.99
N GLN B 279 19.81 20.84 5.42
CA GLN B 279 19.59 20.66 3.98
C GLN B 279 19.14 21.96 3.33
N PHE B 280 19.52 22.12 2.07
CA PHE B 280 19.11 23.28 1.30
C PHE B 280 17.98 22.79 0.39
N TRP B 281 17.06 23.67 0.03
CA TRP B 281 15.95 23.26 -0.83
C TRP B 281 16.47 23.27 -2.27
N GLY B 282 17.40 22.35 -2.54
CA GLY B 282 18.05 22.24 -3.83
C GLY B 282 19.52 22.50 -3.58
N PHE B 283 20.31 22.74 -4.63
CA PHE B 283 21.72 23.04 -4.43
C PHE B 283 22.30 23.93 -5.54
N THR B 284 21.68 23.93 -6.72
CA THR B 284 22.14 24.78 -7.82
C THR B 284 21.06 25.80 -8.17
N ASP B 285 21.46 27.05 -8.36
CA ASP B 285 20.51 28.10 -8.70
C ASP B 285 19.74 27.79 -9.99
N LYS B 286 20.24 26.82 -10.77
CA LYS B 286 19.60 26.42 -12.01
C LYS B 286 18.22 25.81 -11.73
N TYR B 287 18.11 25.16 -10.59
CA TYR B 287 16.86 24.52 -10.19
C TYR B 287 16.49 24.95 -8.77
N SER B 288 15.64 25.97 -8.68
CA SER B 288 15.21 26.49 -7.39
C SER B 288 13.79 27.04 -7.48
N TRP B 289 12.99 26.81 -6.44
CA TRP B 289 11.61 27.29 -6.41
C TRP B 289 11.55 28.78 -6.10
N VAL B 290 12.63 29.33 -5.58
CA VAL B 290 12.67 30.74 -5.20
C VAL B 290 12.28 31.76 -6.27
N PRO B 291 12.92 31.70 -7.45
CA PRO B 291 12.58 32.65 -8.51
C PRO B 291 11.08 32.75 -8.81
N GLY B 292 10.40 31.61 -8.82
CA GLY B 292 8.98 31.60 -9.11
C GLY B 292 8.07 31.97 -7.94
N PHE B 293 8.57 31.87 -6.72
CA PHE B 293 7.77 32.19 -5.54
C PHE B 293 8.02 33.58 -4.99
N PHE B 294 9.29 33.97 -4.93
CA PHE B 294 9.67 35.28 -4.43
C PHE B 294 10.04 36.24 -5.56
N LYS B 295 9.04 36.95 -6.08
CA LYS B 295 9.25 37.89 -7.18
C LYS B 295 10.42 38.85 -6.92
N GLY B 296 11.33 38.93 -7.89
CA GLY B 296 12.47 39.81 -7.77
C GLY B 296 13.68 39.20 -7.10
N TYR B 297 13.53 38.01 -6.54
CA TYR B 297 14.62 37.32 -5.85
C TYR B 297 15.03 36.02 -6.52
N GLY B 298 16.21 35.53 -6.14
CA GLY B 298 16.73 34.29 -6.68
C GLY B 298 18.14 34.01 -6.17
N LYS B 299 18.92 33.27 -6.96
CA LYS B 299 20.30 32.92 -6.62
C LYS B 299 20.48 32.62 -5.14
N ALA B 300 19.60 31.79 -4.60
CA ALA B 300 19.60 31.46 -3.18
C ALA B 300 20.31 30.18 -2.77
N LEU B 301 20.97 29.50 -3.71
CA LEU B 301 21.62 28.24 -3.38
C LEU B 301 23.14 28.19 -3.31
N LEU B 302 23.69 26.98 -3.23
CA LEU B 302 25.13 26.76 -3.10
C LEU B 302 25.98 26.87 -4.36
N PHE B 303 25.45 26.43 -5.50
CA PHE B 303 26.20 26.50 -6.75
C PHE B 303 25.42 27.36 -7.75
N ASP B 304 26.12 27.98 -8.69
CA ASP B 304 25.42 28.81 -9.68
C ASP B 304 24.80 27.93 -10.77
N GLU B 305 24.30 28.57 -11.82
CA GLU B 305 23.65 27.86 -12.92
C GLU B 305 24.57 26.92 -13.69
N ASN B 306 25.88 27.12 -13.54
CA ASN B 306 26.87 26.29 -14.22
C ASN B 306 27.47 25.26 -13.28
N TYR B 307 26.88 25.14 -12.10
CA TYR B 307 27.33 24.19 -11.09
C TYR B 307 28.67 24.56 -10.46
N ASN B 308 29.04 25.83 -10.52
CA ASN B 308 30.29 26.26 -9.91
C ASN B 308 29.95 26.78 -8.50
N PRO B 309 30.78 26.41 -7.51
CA PRO B 309 30.53 26.85 -6.13
C PRO B 309 30.50 28.38 -5.96
N LYS B 310 29.58 28.84 -5.13
CA LYS B 310 29.42 30.26 -4.85
C LYS B 310 30.11 30.59 -3.53
N PRO B 311 30.24 31.88 -3.21
CA PRO B 311 30.89 32.26 -1.94
C PRO B 311 30.33 31.53 -0.71
N CYS B 312 29.01 31.35 -0.66
CA CYS B 312 28.42 30.68 0.50
C CYS B 312 28.91 29.24 0.66
N TYR B 313 29.17 28.57 -0.45
CA TYR B 313 29.65 27.19 -0.38
C TYR B 313 30.99 27.14 0.36
N TYR B 314 31.91 28.03 0.02
CA TYR B 314 33.21 28.05 0.69
C TYR B 314 33.09 28.47 2.15
N ALA B 315 32.20 29.43 2.41
CA ALA B 315 31.98 29.92 3.76
C ALA B 315 31.55 28.79 4.69
N ILE B 316 30.62 27.96 4.21
CA ILE B 316 30.11 26.82 4.96
C ILE B 316 31.21 25.77 5.16
N LYS B 317 31.95 25.48 4.10
CA LYS B 317 33.03 24.50 4.19
C LYS B 317 34.04 24.93 5.26
N GLU B 318 34.36 26.22 5.28
CA GLU B 318 35.31 26.76 6.25
C GLU B 318 34.79 26.57 7.67
N VAL B 319 33.51 26.86 7.89
CA VAL B 319 32.92 26.71 9.21
C VAL B 319 32.98 25.26 9.67
N LEU B 320 32.61 24.34 8.78
CA LEU B 320 32.64 22.92 9.11
C LEU B 320 34.07 22.49 9.45
N GLU B 321 35.02 22.92 8.63
CA GLU B 321 36.42 22.57 8.87
C GLU B 321 36.89 23.11 10.22
N LYS B 322 36.43 24.30 10.58
CA LYS B 322 36.82 24.91 11.85
C LYS B 322 36.25 24.14 13.04
N LYS B 323 35.01 23.69 12.93
CA LYS B 323 34.37 22.94 14.00
C LYS B 323 35.12 21.63 14.24
N ILE B 324 35.53 20.99 13.14
CA ILE B 324 36.25 19.73 13.22
C ILE B 324 37.60 19.95 13.92
N GLU B 325 38.23 21.08 13.63
CA GLU B 325 39.51 21.45 14.22
C GLU B 325 39.35 21.64 15.73
N GLU B 326 38.33 22.41 16.11
CA GLU B 326 38.04 22.70 17.51
C GLU B 326 37.66 21.48 18.32
N ARG B 327 37.35 20.38 17.65
CA ARG B 327 36.95 19.16 18.33
C ARG B 327 38.04 18.08 18.25
#